data_1OJ9
#
_entry.id   1OJ9
#
_cell.length_a   132.104
_cell.length_b   224.022
_cell.length_c   86.833
_cell.angle_alpha   90.00
_cell.angle_beta   90.00
_cell.angle_gamma   90.00
#
_symmetry.space_group_name_H-M   'C 2 2 2'
#
loop_
_entity.id
_entity.type
_entity.pdbx_description
1 polymer 'AMINE OXIDASE [FLAVIN-CONTAINING] B'
2 non-polymer 'FLAVIN-ADENINE DINUCLEOTIDE'
3 non-polymer 1,4-DIPHENYL-2-BUTENE
4 water water
#
_entity_poly.entity_id   1
_entity_poly.type   'polypeptide(L)'
_entity_poly.pdbx_seq_one_letter_code
;MSNKCDVVVVGGGISGMAAAKLLHDSGLNVVVLEARDRVGGRTYTLRNQKVKYVDLGGSYVGPTQNRILRLAKELGLETY
KVNEVERLIHHVKGKSYPFRGPFPPVWNPITYLDHNNFWRTMDDMGREIPSDAPWKAPLAEEWDNMTMKELLDKLCWTES
AKQLATLFVNLCVTAETHEVSALWFLWYVKQCGGTTRIISTTNGGQERKFVGGSGQVSERIMDLLGDRVKLERPVIYIDQ
TRENVLVETLNHEMYEAKYVISAIPPTLGMKIHFNPPLPMMRNQMITRVPLGSVIKCIVYYKEPFWRKKDYCGTMIIDGE
EAPVAYTLDDTKPEGNYAAIMGFILAHKARKLARLTKEERLKKLCELYAKVLGSLEALEPVHYEEKNWCEEQYSGGCYTT
YFPPGILTQYGRVLRQPVDRIYFAGTETATHWSGYMEGAVEAGERAAREILHAMGKIPEDEIWQSEPESVDVPAQPITTT
FLERHLPSVPGLLRLIGLTTIFSATALGFLAHKRGLLVRV
;
_entity_poly.pdbx_strand_id   A,B
#
loop_
_chem_comp.id
_chem_comp.type
_chem_comp.name
_chem_comp.formula
1PB non-polymer 1,4-DIPHENYL-2-BUTENE 'C16 H16'
FAD non-polymer 'FLAVIN-ADENINE DINUCLEOTIDE' 'C27 H33 N9 O15 P2'
#
# COMPACT_ATOMS: atom_id res chain seq x y z
N ASN A 3 17.07 20.93 -23.03
CA ASN A 3 18.10 20.87 -21.96
C ASN A 3 17.81 21.82 -20.78
N LYS A 4 18.26 23.07 -20.88
CA LYS A 4 18.37 23.94 -19.69
C LYS A 4 17.20 24.86 -19.40
N CYS A 5 16.85 24.94 -18.11
CA CYS A 5 15.77 25.79 -17.61
C CYS A 5 15.94 26.04 -16.10
N ASP A 6 15.09 26.89 -15.53
CA ASP A 6 15.08 27.14 -14.09
C ASP A 6 14.40 26.01 -13.29
N VAL A 7 13.21 25.59 -13.74
CA VAL A 7 12.43 24.56 -13.07
C VAL A 7 11.83 23.53 -14.05
N VAL A 8 12.06 22.25 -13.75
CA VAL A 8 11.35 21.17 -14.43
C VAL A 8 10.16 20.76 -13.57
N VAL A 9 8.97 20.76 -14.18
CA VAL A 9 7.76 20.23 -13.54
C VAL A 9 7.45 18.85 -14.11
N VAL A 10 7.35 17.85 -13.24
CA VAL A 10 7.01 16.50 -13.66
C VAL A 10 5.49 16.29 -13.49
N GLY A 11 4.80 16.09 -14.60
CA GLY A 11 3.36 15.94 -14.61
C GLY A 11 2.64 17.17 -15.11
N GLY A 12 1.74 16.98 -16.08
CA GLY A 12 0.97 18.07 -16.65
C GLY A 12 -0.52 17.98 -16.33
N GLY A 13 -0.84 17.58 -15.10
CA GLY A 13 -2.21 17.67 -14.60
C GLY A 13 -2.45 19.09 -14.10
N ILE A 14 -3.62 19.31 -13.51
CA ILE A 14 -3.95 20.63 -12.97
C ILE A 14 -2.91 21.17 -11.99
N SER A 15 -2.37 20.31 -11.13
CA SER A 15 -1.35 20.73 -10.17
C SER A 15 -0.03 21.18 -10.84
N GLY A 16 0.49 20.35 -11.74
CA GLY A 16 1.69 20.69 -12.49
C GLY A 16 1.52 21.93 -13.37
N MET A 17 0.37 22.04 -14.03
CA MET A 17 0.09 23.17 -14.90
C MET A 17 -0.07 24.48 -14.12
N ALA A 18 -0.73 24.43 -12.97
CA ALA A 18 -0.86 25.60 -12.09
C ALA A 18 0.50 26.09 -11.57
N ALA A 19 1.34 25.16 -11.13
CA ALA A 19 2.70 25.47 -10.69
C ALA A 19 3.50 26.14 -11.82
N ALA A 20 3.45 25.54 -13.01
CA ALA A 20 4.18 26.03 -14.17
C ALA A 20 3.71 27.43 -14.56
N LYS A 21 2.40 27.65 -14.54
CA LYS A 21 1.83 28.96 -14.86
C LYS A 21 2.34 30.04 -13.89
N LEU A 22 2.30 29.74 -12.60
CA LEU A 22 2.77 30.68 -11.57
C LEU A 22 4.23 31.04 -11.77
N LEU A 23 5.08 30.03 -11.98
CA LEU A 23 6.52 30.22 -12.16
C LEU A 23 6.82 31.01 -13.43
N HIS A 24 6.09 30.69 -14.50
CA HIS A 24 6.23 31.37 -15.80
C HIS A 24 5.82 32.84 -15.70
N ASP A 25 4.74 33.11 -14.98
CA ASP A 25 4.24 34.48 -14.78
C ASP A 25 5.19 35.29 -13.89
N SER A 26 6.03 34.58 -13.13
CA SER A 26 7.00 35.20 -12.25
C SER A 26 8.35 35.47 -12.94
N GLY A 27 8.47 35.08 -14.21
CA GLY A 27 9.67 35.36 -14.97
C GLY A 27 10.64 34.21 -15.21
N LEU A 28 10.39 33.06 -14.58
CA LEU A 28 11.29 31.91 -14.72
C LEU A 28 11.03 31.11 -15.98
N ASN A 29 12.08 30.41 -16.45
CA ASN A 29 11.97 29.50 -17.57
C ASN A 29 11.63 28.10 -17.09
N VAL A 30 10.44 27.63 -17.47
CA VAL A 30 9.89 26.36 -16.98
C VAL A 30 9.63 25.38 -18.10
N VAL A 31 9.78 24.10 -17.79
CA VAL A 31 9.44 23.02 -18.69
C VAL A 31 8.53 22.05 -17.94
N VAL A 32 7.46 21.61 -18.62
CA VAL A 32 6.56 20.59 -18.09
C VAL A 32 6.79 19.29 -18.84
N LEU A 33 7.09 18.23 -18.10
CA LEU A 33 7.31 16.92 -18.70
C LEU A 33 6.12 16.02 -18.38
N GLU A 34 5.37 15.67 -19.42
CA GLU A 34 4.12 14.93 -19.29
C GLU A 34 4.24 13.56 -19.96
N ALA A 35 3.84 12.52 -19.24
CA ALA A 35 3.96 11.13 -19.70
C ALA A 35 3.05 10.80 -20.88
N ARG A 36 1.80 11.26 -20.81
CA ARG A 36 0.77 10.96 -21.82
C ARG A 36 0.84 11.88 -23.05
N ASP A 37 0.07 11.55 -24.08
CA ASP A 37 -0.07 12.39 -25.27
C ASP A 37 -1.06 13.54 -25.08
N ARG A 38 -1.40 13.82 -23.82
CA ARG A 38 -2.34 14.89 -23.46
C ARG A 38 -2.03 15.44 -22.07
N VAL A 39 -2.52 16.64 -21.79
CA VAL A 39 -2.49 17.18 -20.43
C VAL A 39 -3.85 16.93 -19.74
N GLY A 40 -3.93 17.17 -18.43
CA GLY A 40 -5.18 17.00 -17.70
C GLY A 40 -5.14 15.94 -16.61
N GLY A 41 -4.41 14.85 -16.88
CA GLY A 41 -4.22 13.78 -15.90
C GLY A 41 -5.51 13.08 -15.51
N ARG A 42 -5.92 13.28 -14.25
CA ARG A 42 -7.16 12.68 -13.75
C ARG A 42 -8.42 13.46 -14.16
N THR A 43 -8.24 14.58 -14.87
CA THR A 43 -9.33 15.20 -15.60
C THR A 43 -9.14 14.90 -17.07
N TYR A 44 -10.24 14.56 -17.75
CA TYR A 44 -10.22 14.25 -19.18
C TYR A 44 -11.60 14.54 -19.76
N THR A 45 -11.65 15.46 -20.70
CA THR A 45 -12.90 15.80 -21.39
C THR A 45 -12.89 15.17 -22.78
N LEU A 46 -13.82 14.25 -22.99
CA LEU A 46 -14.03 13.63 -24.30
C LEU A 46 -15.01 14.47 -25.14
N ARG A 47 -14.66 14.72 -26.40
CA ARG A 47 -15.55 15.38 -27.35
C ARG A 47 -15.82 14.48 -28.56
N ASN A 48 -17.11 14.27 -28.82
CA ASN A 48 -17.59 13.66 -30.06
C ASN A 48 -18.98 14.21 -30.34
N GLN A 49 -19.55 13.85 -31.47
CA GLN A 49 -20.83 14.39 -31.91
C GLN A 49 -22.02 13.95 -31.05
N LYS A 50 -21.94 12.75 -30.47
CA LYS A 50 -23.04 12.21 -29.68
C LYS A 50 -23.19 12.86 -28.31
N VAL A 51 -22.07 13.27 -27.71
CA VAL A 51 -22.08 13.81 -26.35
C VAL A 51 -21.80 15.32 -26.32
N LYS A 52 -21.28 15.84 -27.44
CA LYS A 52 -20.70 17.18 -27.51
C LYS A 52 -19.39 17.29 -26.69
N TYR A 53 -19.51 17.24 -25.37
CA TYR A 53 -18.35 17.09 -24.48
C TYR A 53 -18.78 16.35 -23.22
N VAL A 54 -17.86 15.62 -22.61
CA VAL A 54 -18.15 14.96 -21.32
C VAL A 54 -16.89 14.71 -20.46
N ASP A 55 -16.99 15.07 -19.20
CA ASP A 55 -15.94 14.80 -18.22
C ASP A 55 -15.95 13.32 -17.84
N LEU A 56 -14.88 12.61 -18.19
CA LEU A 56 -14.71 11.21 -17.84
C LEU A 56 -13.91 11.01 -16.54
N GLY A 57 -13.29 12.10 -16.06
CA GLY A 57 -12.59 12.12 -14.79
C GLY A 57 -13.15 13.21 -13.90
N GLY A 58 -12.29 13.93 -13.18
CA GLY A 58 -12.70 15.03 -12.34
C GLY A 58 -13.57 16.06 -13.04
N SER A 59 -14.61 16.53 -12.34
CA SER A 59 -15.68 17.31 -12.96
C SER A 59 -16.28 18.41 -12.08
N TYR A 60 -16.66 18.05 -10.85
CA TYR A 60 -17.43 18.94 -9.97
C TYR A 60 -16.57 19.91 -9.19
N VAL A 61 -17.08 21.14 -9.08
CA VAL A 61 -16.51 22.18 -8.25
C VAL A 61 -17.66 22.81 -7.46
N GLY A 62 -17.35 23.47 -6.34
CA GLY A 62 -18.37 24.10 -5.52
C GLY A 62 -17.85 25.20 -4.62
N PRO A 63 -18.72 25.79 -3.81
CA PRO A 63 -18.33 26.82 -2.84
C PRO A 63 -17.22 26.36 -1.88
N THR A 64 -16.39 27.32 -1.46
CA THR A 64 -15.10 27.13 -0.75
C THR A 64 -13.93 26.62 -1.59
N GLN A 65 -14.20 26.25 -2.84
CA GLN A 65 -13.12 25.81 -3.74
C GLN A 65 -12.66 27.01 -4.57
N ASN A 66 -12.13 28.02 -3.89
CA ASN A 66 -11.91 29.32 -4.50
C ASN A 66 -10.72 29.40 -5.46
N ARG A 67 -9.73 28.52 -5.25
CA ARG A 67 -8.54 28.53 -6.09
C ARG A 67 -8.81 28.02 -7.50
N ILE A 68 -9.48 26.87 -7.62
CA ILE A 68 -9.84 26.32 -8.93
C ILE A 68 -10.81 27.25 -9.69
N LEU A 69 -11.71 27.90 -8.95
CA LEU A 69 -12.68 28.82 -9.54
C LEU A 69 -12.01 30.08 -10.13
N ARG A 70 -11.06 30.64 -9.40
CA ARG A 70 -10.29 31.81 -9.83
C ARG A 70 -9.38 31.46 -11.02
N LEU A 71 -8.70 30.32 -10.95
CA LEU A 71 -7.83 29.90 -12.05
C LEU A 71 -8.63 29.70 -13.34
N ALA A 72 -9.76 29.00 -13.22
CA ALA A 72 -10.63 28.76 -14.37
C ALA A 72 -11.21 30.06 -14.95
N LYS A 73 -11.65 30.96 -14.07
CA LYS A 73 -12.18 32.26 -14.51
C LYS A 73 -11.14 33.10 -15.27
N GLU A 74 -9.90 33.10 -14.79
CA GLU A 74 -8.79 33.77 -15.47
C GLU A 74 -8.53 33.18 -16.86
N LEU A 75 -8.73 31.87 -16.99
CA LEU A 75 -8.59 31.19 -18.28
C LEU A 75 -9.81 31.39 -19.20
N GLY A 76 -10.84 32.08 -18.71
CA GLY A 76 -12.02 32.37 -19.50
C GLY A 76 -13.13 31.31 -19.46
N LEU A 77 -13.17 30.55 -18.38
CA LEU A 77 -14.16 29.48 -18.22
C LEU A 77 -15.36 29.88 -17.36
N GLU A 78 -16.49 29.23 -17.60
CA GLU A 78 -17.74 29.48 -16.88
C GLU A 78 -18.19 28.19 -16.20
N THR A 79 -18.95 28.34 -15.11
CA THR A 79 -19.61 27.18 -14.49
C THR A 79 -21.12 27.24 -14.70
N TYR A 80 -21.76 26.10 -14.55
CA TYR A 80 -23.21 26.03 -14.46
C TYR A 80 -23.61 25.08 -13.31
N LYS A 81 -24.84 25.23 -12.83
CA LYS A 81 -25.32 24.45 -11.69
C LYS A 81 -25.80 23.06 -12.10
N VAL A 82 -25.29 22.05 -11.39
CA VAL A 82 -25.82 20.68 -11.48
C VAL A 82 -27.30 20.68 -11.08
N ASN A 83 -28.14 19.99 -11.85
CA ASN A 83 -29.58 19.95 -11.58
C ASN A 83 -29.93 19.29 -10.24
N GLU A 84 -30.46 20.10 -9.32
CA GLU A 84 -31.02 19.60 -8.05
C GLU A 84 -32.36 20.29 -7.74
N VAL A 85 -33.11 20.65 -8.78
CA VAL A 85 -34.40 21.32 -8.62
C VAL A 85 -35.45 20.35 -8.03
N GLU A 86 -35.53 19.15 -8.60
CA GLU A 86 -36.54 18.18 -8.19
C GLU A 86 -36.02 17.25 -7.07
N ARG A 87 -36.74 16.16 -6.80
CA ARG A 87 -36.44 15.31 -5.63
C ARG A 87 -35.26 14.36 -5.83
N LEU A 88 -34.48 14.18 -4.77
CA LEU A 88 -33.46 13.14 -4.72
C LEU A 88 -34.13 11.80 -4.43
N ILE A 89 -33.44 10.71 -4.73
CA ILE A 89 -33.96 9.38 -4.42
C ILE A 89 -32.97 8.62 -3.54
N HIS A 90 -33.51 8.02 -2.48
CA HIS A 90 -32.77 7.06 -1.68
C HIS A 90 -33.38 5.68 -1.93
N HIS A 91 -32.58 4.81 -2.53
CA HIS A 91 -33.04 3.46 -2.83
C HIS A 91 -32.42 2.51 -1.82
N VAL A 92 -33.28 1.83 -1.07
CA VAL A 92 -32.85 0.94 -0.01
C VAL A 92 -33.77 -0.29 0.08
N LYS A 93 -33.16 -1.47 0.08
CA LYS A 93 -33.86 -2.76 0.09
C LYS A 93 -34.92 -2.88 -1.02
N GLY A 94 -34.52 -2.53 -2.24
CA GLY A 94 -35.35 -2.67 -3.41
C GLY A 94 -36.52 -1.71 -3.55
N LYS A 95 -36.49 -0.60 -2.82
CA LYS A 95 -37.57 0.40 -2.86
C LYS A 95 -37.01 1.83 -2.87
N SER A 96 -37.67 2.72 -3.60
CA SER A 96 -37.25 4.10 -3.72
C SER A 96 -38.04 5.02 -2.81
N TYR A 97 -37.33 5.90 -2.11
CA TYR A 97 -37.93 6.91 -1.24
C TYR A 97 -37.43 8.30 -1.65
N PRO A 98 -38.30 9.10 -2.27
CA PRO A 98 -37.92 10.46 -2.69
C PRO A 98 -37.76 11.38 -1.50
N PHE A 99 -36.83 12.34 -1.59
CA PHE A 99 -36.60 13.30 -0.50
C PHE A 99 -35.99 14.61 -0.99
N ARG A 100 -35.93 15.59 -0.09
CA ARG A 100 -35.27 16.86 -0.35
C ARG A 100 -34.25 17.13 0.74
N GLY A 101 -33.26 17.97 0.43
CA GLY A 101 -32.19 18.28 1.37
C GLY A 101 -31.01 17.34 1.14
N PRO A 102 -29.87 17.65 1.77
CA PRO A 102 -28.63 16.89 1.54
C PRO A 102 -28.66 15.46 2.06
N PHE A 103 -29.27 15.25 3.23
CA PHE A 103 -29.28 13.96 3.92
C PHE A 103 -30.58 13.19 3.72
N PRO A 104 -30.48 11.90 3.40
CA PRO A 104 -31.66 11.02 3.32
C PRO A 104 -32.33 10.89 4.69
N PRO A 105 -33.63 11.17 4.77
CA PRO A 105 -34.33 11.22 6.05
C PRO A 105 -34.63 9.84 6.63
N VAL A 106 -34.98 9.82 7.91
CA VAL A 106 -35.18 8.60 8.68
C VAL A 106 -36.40 8.82 9.58
N TRP A 107 -37.30 7.84 9.62
CA TRP A 107 -38.53 7.98 10.41
C TRP A 107 -38.50 7.26 11.76
N ASN A 108 -37.89 6.08 11.80
CA ASN A 108 -37.71 5.34 13.06
C ASN A 108 -36.90 6.18 14.05
N PRO A 109 -37.45 6.41 15.24
CA PRO A 109 -36.82 7.29 16.23
C PRO A 109 -35.45 6.82 16.71
N ILE A 110 -35.28 5.52 16.94
CA ILE A 110 -34.00 4.95 17.35
C ILE A 110 -32.97 5.15 16.22
N THR A 111 -33.38 4.77 15.01
CA THR A 111 -32.56 4.95 13.81
C THR A 111 -32.21 6.42 13.58
N TYR A 112 -33.16 7.31 13.87
CA TYR A 112 -32.92 8.74 13.73
C TYR A 112 -31.79 9.22 14.63
N LEU A 113 -31.83 8.79 15.88
CA LEU A 113 -30.78 9.12 16.83
C LEU A 113 -29.41 8.59 16.36
N ASP A 114 -29.40 7.37 15.84
CA ASP A 114 -28.17 6.74 15.35
C ASP A 114 -27.59 7.47 14.13
N HIS A 115 -28.44 7.81 13.17
CA HIS A 115 -28.04 8.57 11.98
C HIS A 115 -27.51 9.97 12.38
N ASN A 116 -28.23 10.63 13.27
CA ASN A 116 -27.84 11.96 13.74
C ASN A 116 -26.48 11.96 14.45
N ASN A 117 -26.26 10.95 15.28
CA ASN A 117 -25.01 10.82 16.03
C ASN A 117 -23.82 10.45 15.14
N PHE A 118 -24.06 9.63 14.12
CA PHE A 118 -22.97 9.27 13.20
C PHE A 118 -22.36 10.50 12.52
N TRP A 119 -23.18 11.27 11.80
CA TRP A 119 -22.72 12.46 11.09
C TRP A 119 -22.07 13.46 12.05
N ARG A 120 -22.72 13.70 13.18
CA ARG A 120 -22.22 14.60 14.23
C ARG A 120 -20.85 14.18 14.74
N THR A 121 -20.68 12.88 15.04
CA THR A 121 -19.43 12.34 15.54
C THR A 121 -18.28 12.46 14.53
N MET A 122 -18.56 12.19 13.26
CA MET A 122 -17.59 12.40 12.19
C MET A 122 -17.01 13.82 12.25
N ASP A 123 -17.87 14.82 12.39
CA ASP A 123 -17.43 16.21 12.50
C ASP A 123 -16.78 16.52 13.84
N ASP A 124 -17.32 15.97 14.93
CA ASP A 124 -16.73 16.10 16.28
C ASP A 124 -15.26 15.63 16.29
N MET A 125 -15.03 14.45 15.73
CA MET A 125 -13.69 13.87 15.67
C MET A 125 -12.78 14.68 14.76
N GLY A 126 -13.33 15.20 13.67
CA GLY A 126 -12.59 16.04 12.74
C GLY A 126 -12.04 17.32 13.34
N ARG A 127 -12.76 17.90 14.31
CA ARG A 127 -12.35 19.16 14.94
C ARG A 127 -11.03 19.02 15.72
N GLU A 128 -10.69 17.79 16.07
CA GLU A 128 -9.44 17.52 16.79
C GLU A 128 -8.25 17.25 15.86
N ILE A 129 -8.50 17.28 14.55
CA ILE A 129 -7.49 16.92 13.56
C ILE A 129 -7.03 18.15 12.77
N PRO A 130 -5.79 18.58 13.00
CA PRO A 130 -5.24 19.73 12.26
C PRO A 130 -5.12 19.40 10.78
N SER A 131 -5.60 20.33 9.94
CA SER A 131 -5.59 20.17 8.49
C SER A 131 -4.19 19.96 7.92
N ASP A 132 -3.23 20.72 8.43
CA ASP A 132 -1.86 20.68 7.93
C ASP A 132 -1.00 19.59 8.58
N ALA A 133 -1.53 18.97 9.63
CA ALA A 133 -0.79 17.94 10.35
C ALA A 133 -1.70 16.94 11.09
N PRO A 134 -2.38 16.07 10.34
CA PRO A 134 -3.30 15.08 10.95
C PRO A 134 -2.65 14.17 12.00
N TRP A 135 -1.38 13.83 11.82
CA TRP A 135 -0.62 13.03 12.79
C TRP A 135 -0.47 13.73 14.15
N LYS A 136 -0.86 15.00 14.23
CA LYS A 136 -0.78 15.73 15.50
C LYS A 136 -2.06 15.67 16.34
N ALA A 137 -3.11 15.05 15.80
CA ALA A 137 -4.35 14.84 16.56
C ALA A 137 -4.02 14.15 17.90
N PRO A 138 -4.69 14.57 18.98
CA PRO A 138 -4.39 14.01 20.30
C PRO A 138 -4.48 12.48 20.34
N LEU A 139 -5.44 11.90 19.62
CA LEU A 139 -5.60 10.44 19.58
C LEU A 139 -5.19 9.87 18.22
N ALA A 140 -4.22 10.51 17.59
CA ALA A 140 -3.78 10.16 16.23
C ALA A 140 -3.51 8.66 16.06
N GLU A 141 -2.68 8.10 16.93
CA GLU A 141 -2.28 6.70 16.85
C GLU A 141 -3.45 5.74 17.00
N GLU A 142 -4.26 5.94 18.03
CA GLU A 142 -5.48 5.14 18.25
C GLU A 142 -6.42 5.13 17.04
N TRP A 143 -6.62 6.29 16.44
CA TRP A 143 -7.52 6.42 15.29
C TRP A 143 -6.90 5.87 14.02
N ASP A 144 -5.57 5.97 13.92
CA ASP A 144 -4.84 5.49 12.75
C ASP A 144 -4.64 3.97 12.72
N ASN A 145 -4.68 3.33 13.88
CA ASN A 145 -4.48 1.89 14.01
C ASN A 145 -5.79 1.10 13.91
N MET A 146 -6.78 1.76 13.33
CA MET A 146 -8.15 1.32 13.27
C MET A 146 -8.62 1.60 11.85
N THR A 147 -9.36 0.67 11.23
CA THR A 147 -9.97 0.94 9.94
C THR A 147 -11.29 1.68 10.13
N MET A 148 -11.81 2.29 9.06
CA MET A 148 -13.14 2.88 9.11
C MET A 148 -14.22 1.84 9.40
N LYS A 149 -13.96 0.58 9.04
CA LYS A 149 -14.91 -0.50 9.31
C LYS A 149 -15.07 -0.75 10.82
N GLU A 150 -13.95 -0.76 11.53
CA GLU A 150 -13.94 -0.86 13.00
C GLU A 150 -14.66 0.31 13.64
N LEU A 151 -14.39 1.53 13.17
CA LEU A 151 -15.04 2.72 13.70
C LEU A 151 -16.56 2.67 13.52
N LEU A 152 -16.99 2.27 12.33
CA LEU A 152 -18.42 2.12 12.02
C LEU A 152 -19.10 1.05 12.87
N ASP A 153 -18.41 -0.06 13.11
CA ASP A 153 -18.92 -1.14 13.97
C ASP A 153 -19.15 -0.68 15.41
N LYS A 154 -18.30 0.22 15.91
CA LYS A 154 -18.44 0.73 17.27
C LYS A 154 -19.48 1.85 17.38
N LEU A 155 -19.59 2.65 16.33
CA LEU A 155 -20.38 3.87 16.37
C LEU A 155 -21.85 3.69 16.00
N CYS A 156 -22.12 2.85 15.00
CA CYS A 156 -23.47 2.67 14.49
C CYS A 156 -24.20 1.53 15.19
N TRP A 157 -25.26 1.88 15.92
CA TRP A 157 -26.06 0.88 16.62
C TRP A 157 -27.20 0.30 15.77
N THR A 158 -27.37 0.82 14.56
CA THR A 158 -28.35 0.28 13.60
C THR A 158 -27.68 -0.11 12.29
N GLU A 159 -28.20 -1.15 11.64
CA GLU A 159 -27.73 -1.55 10.31
C GLU A 159 -27.95 -0.44 9.29
N SER A 160 -29.05 0.31 9.48
CA SER A 160 -29.43 1.38 8.57
C SER A 160 -28.38 2.50 8.53
N ALA A 161 -27.90 2.91 9.69
CA ALA A 161 -26.85 3.91 9.77
C ALA A 161 -25.52 3.39 9.22
N LYS A 162 -25.20 2.12 9.54
CA LYS A 162 -23.97 1.49 9.10
C LYS A 162 -23.91 1.35 7.58
N GLN A 163 -25.03 0.92 6.99
CA GLN A 163 -25.17 0.80 5.54
C GLN A 163 -24.88 2.13 4.86
N LEU A 164 -25.55 3.19 5.32
CA LEU A 164 -25.40 4.52 4.75
C LEU A 164 -23.99 5.10 4.94
N ALA A 165 -23.43 4.88 6.12
CA ALA A 165 -22.06 5.30 6.45
C ALA A 165 -21.04 4.61 5.55
N THR A 166 -21.27 3.32 5.29
CA THR A 166 -20.41 2.52 4.40
C THR A 166 -20.43 3.07 2.98
N LEU A 167 -21.62 3.34 2.47
CA LEU A 167 -21.78 3.95 1.16
C LEU A 167 -21.08 5.31 1.11
N PHE A 168 -21.24 6.09 2.18
CA PHE A 168 -20.58 7.40 2.34
C PHE A 168 -19.05 7.27 2.19
N VAL A 169 -18.45 6.31 2.86
CA VAL A 169 -17.01 6.07 2.74
C VAL A 169 -16.64 5.62 1.31
N ASN A 170 -17.37 4.63 0.77
CA ASN A 170 -17.11 4.15 -0.58
C ASN A 170 -17.14 5.29 -1.62
N LEU A 171 -18.12 6.19 -1.51
CA LEU A 171 -18.30 7.27 -2.47
C LEU A 171 -17.27 8.40 -2.33
N CYS A 172 -16.91 8.75 -1.09
CA CYS A 172 -15.94 9.81 -0.87
C CYS A 172 -14.52 9.45 -1.32
N VAL A 173 -14.12 8.20 -1.10
CA VAL A 173 -12.72 7.80 -1.28
C VAL A 173 -12.49 6.53 -2.12
N THR A 174 -13.53 6.10 -2.85
CA THR A 174 -13.46 4.93 -3.76
C THR A 174 -12.70 3.74 -3.18
N ALA A 175 -12.93 3.49 -1.90
CA ALA A 175 -12.30 2.38 -1.22
C ALA A 175 -13.27 1.79 -0.20
N GLU A 176 -13.01 0.55 0.20
CA GLU A 176 -13.81 -0.12 1.21
C GLU A 176 -13.48 0.41 2.61
N THR A 177 -14.44 0.35 3.52
CA THR A 177 -14.22 0.80 4.90
C THR A 177 -13.08 0.06 5.61
N HIS A 178 -12.91 -1.23 5.29
CA HIS A 178 -11.86 -2.05 5.86
C HIS A 178 -10.46 -1.80 5.28
N GLU A 179 -10.40 -1.03 4.19
CA GLU A 179 -9.13 -0.71 3.51
C GLU A 179 -8.46 0.54 4.06
N VAL A 180 -9.25 1.44 4.66
CA VAL A 180 -8.76 2.77 4.99
C VAL A 180 -8.61 3.04 6.49
N SER A 181 -7.59 3.82 6.85
CA SER A 181 -7.38 4.32 8.20
C SER A 181 -8.54 5.21 8.64
N ALA A 182 -8.97 5.06 9.90
CA ALA A 182 -10.00 5.92 10.45
C ALA A 182 -9.51 7.36 10.58
N LEU A 183 -8.30 7.56 11.09
CA LEU A 183 -7.70 8.89 11.17
C LEU A 183 -7.67 9.60 9.81
N TRP A 184 -7.16 8.89 8.80
CA TRP A 184 -7.03 9.47 7.46
C TRP A 184 -8.37 9.88 6.85
N PHE A 185 -9.39 9.02 7.00
CA PHE A 185 -10.69 9.33 6.44
C PHE A 185 -11.36 10.51 7.14
N LEU A 186 -11.20 10.58 8.48
CA LEU A 186 -11.71 11.69 9.27
C LEU A 186 -11.00 13.00 8.91
N TRP A 187 -9.70 12.93 8.65
CA TRP A 187 -8.95 14.09 8.18
C TRP A 187 -9.48 14.55 6.83
N TYR A 188 -9.67 13.58 5.93
CA TYR A 188 -10.11 13.81 4.56
C TYR A 188 -11.44 14.56 4.50
N VAL A 189 -12.38 14.19 5.35
CA VAL A 189 -13.69 14.84 5.39
C VAL A 189 -13.57 16.25 5.97
N LYS A 190 -12.83 16.34 7.09
CA LYS A 190 -12.61 17.61 7.77
C LYS A 190 -11.97 18.67 6.85
N GLN A 191 -10.96 18.26 6.09
CA GLN A 191 -10.21 19.19 5.25
C GLN A 191 -11.01 19.63 4.00
N CYS A 192 -12.17 19.01 3.78
CA CYS A 192 -13.11 19.48 2.77
C CYS A 192 -14.20 20.38 3.38
N GLY A 193 -14.10 20.66 4.69
CA GLY A 193 -15.09 21.48 5.38
C GLY A 193 -16.22 20.75 6.11
N GLY A 194 -16.14 19.42 6.22
CA GLY A 194 -17.10 18.63 6.97
C GLY A 194 -18.05 17.79 6.13
N THR A 195 -18.91 17.02 6.81
CA THR A 195 -19.80 16.07 6.14
C THR A 195 -20.80 16.73 5.20
N THR A 196 -21.47 17.77 5.69
CA THR A 196 -22.43 18.52 4.87
C THR A 196 -21.79 19.06 3.59
N ARG A 197 -20.67 19.76 3.74
CA ARG A 197 -19.98 20.35 2.60
C ARG A 197 -19.55 19.29 1.58
N ILE A 198 -19.01 18.17 2.07
CA ILE A 198 -18.52 17.15 1.16
C ILE A 198 -19.62 16.41 0.39
N ILE A 199 -20.76 16.17 1.04
CA ILE A 199 -21.85 15.39 0.43
C ILE A 199 -22.85 16.21 -0.40
N SER A 200 -22.83 17.53 -0.25
CA SER A 200 -23.88 18.36 -0.84
C SER A 200 -23.65 18.69 -2.30
N THR A 201 -24.74 18.70 -3.06
CA THR A 201 -24.77 19.34 -4.38
C THR A 201 -24.95 20.86 -4.16
N THR A 202 -26.19 21.31 -3.95
CA THR A 202 -26.44 22.71 -3.59
C THR A 202 -25.63 23.05 -2.34
N ASN A 203 -24.81 24.11 -2.44
CA ASN A 203 -23.94 24.57 -1.34
C ASN A 203 -22.81 23.60 -0.91
N GLY A 204 -22.46 22.67 -1.80
CA GLY A 204 -21.36 21.77 -1.53
C GLY A 204 -20.50 21.43 -2.74
N GLY A 205 -19.70 20.36 -2.58
CA GLY A 205 -18.71 19.96 -3.56
C GLY A 205 -19.22 19.67 -4.96
N GLN A 206 -20.48 19.27 -5.07
CA GLN A 206 -21.02 18.85 -6.36
C GLN A 206 -21.97 19.88 -7.00
N GLU A 207 -21.89 21.14 -6.55
CA GLU A 207 -22.82 22.18 -7.01
C GLU A 207 -22.72 22.48 -8.50
N ARG A 208 -21.50 22.46 -9.03
CA ARG A 208 -21.24 22.98 -10.37
C ARG A 208 -20.28 22.13 -11.20
N LYS A 209 -20.34 22.34 -12.52
CA LYS A 209 -19.32 21.87 -13.46
C LYS A 209 -18.94 23.01 -14.41
N PHE A 210 -17.85 22.82 -15.15
CA PHE A 210 -17.42 23.80 -16.13
C PHE A 210 -18.08 23.60 -17.47
N VAL A 211 -18.57 24.69 -18.05
CA VAL A 211 -19.12 24.68 -19.40
C VAL A 211 -18.01 24.31 -20.36
N GLY A 212 -18.19 23.20 -21.07
CA GLY A 212 -17.16 22.72 -22.00
C GLY A 212 -16.24 21.66 -21.41
N GLY A 213 -16.33 21.44 -20.09
CA GLY A 213 -15.51 20.43 -19.44
C GLY A 213 -14.30 20.95 -18.69
N SER A 214 -13.87 20.19 -17.68
CA SER A 214 -12.78 20.59 -16.80
C SER A 214 -11.41 20.46 -17.46
N GLY A 215 -11.32 19.62 -18.50
CA GLY A 215 -10.09 19.42 -19.24
C GLY A 215 -9.55 20.69 -19.87
N GLN A 216 -10.42 21.67 -20.09
CA GLN A 216 -10.04 22.99 -20.63
C GLN A 216 -9.08 23.73 -19.72
N VAL A 217 -9.12 23.44 -18.42
CA VAL A 217 -8.22 24.11 -17.47
C VAL A 217 -6.75 23.84 -17.84
N SER A 218 -6.40 22.56 -17.97
CA SER A 218 -5.05 22.16 -18.32
C SER A 218 -4.69 22.50 -19.77
N GLU A 219 -5.65 22.34 -20.67
CA GLU A 219 -5.45 22.61 -22.10
C GLU A 219 -5.11 24.08 -22.34
N ARG A 220 -5.84 24.98 -21.68
CA ARG A 220 -5.63 26.41 -21.87
C ARG A 220 -4.34 26.92 -21.24
N ILE A 221 -3.91 26.30 -20.14
CA ILE A 221 -2.61 26.62 -19.56
C ILE A 221 -1.50 26.16 -20.50
N MET A 222 -1.66 25.00 -21.12
CA MET A 222 -0.72 24.53 -22.14
C MET A 222 -0.61 25.53 -23.31
N ASP A 223 -1.74 26.08 -23.74
CA ASP A 223 -1.78 27.11 -24.78
C ASP A 223 -0.97 28.34 -24.38
N LEU A 224 -1.10 28.76 -23.12
CA LEU A 224 -0.34 29.88 -22.57
C LEU A 224 1.17 29.61 -22.53
N LEU A 225 1.54 28.34 -22.28
CA LEU A 225 2.94 27.98 -22.09
C LEU A 225 3.65 27.65 -23.41
N GLY A 226 2.85 27.40 -24.46
CA GLY A 226 3.39 27.08 -25.77
C GLY A 226 4.26 25.84 -25.78
N ASP A 227 5.46 25.96 -26.34
CA ASP A 227 6.38 24.85 -26.55
C ASP A 227 7.01 24.30 -25.25
N ARG A 228 6.72 24.95 -24.13
CA ARG A 228 7.28 24.56 -22.83
C ARG A 228 6.70 23.26 -22.27
N VAL A 229 5.58 22.80 -22.83
CA VAL A 229 4.98 21.54 -22.42
C VAL A 229 5.42 20.43 -23.37
N LYS A 230 6.02 19.38 -22.80
CA LYS A 230 6.52 18.25 -23.58
C LYS A 230 5.68 17.01 -23.32
N LEU A 231 4.90 16.64 -24.33
CA LEU A 231 4.00 15.48 -24.26
C LEU A 231 4.74 14.20 -24.64
N GLU A 232 4.26 13.08 -24.10
CA GLU A 232 4.90 11.77 -24.26
C GLU A 232 6.36 11.81 -23.79
N ARG A 233 6.58 12.45 -22.64
CA ARG A 233 7.87 12.48 -21.96
C ARG A 233 7.74 11.94 -20.53
N PRO A 234 7.60 10.62 -20.36
CA PRO A 234 7.59 10.04 -19.01
C PRO A 234 8.97 10.16 -18.40
N VAL A 235 9.05 10.69 -17.19
CA VAL A 235 10.30 10.81 -16.46
C VAL A 235 10.67 9.45 -15.86
N ILE A 236 11.93 9.06 -16.07
CA ILE A 236 12.45 7.77 -15.59
C ILE A 236 13.57 7.89 -14.55
N TYR A 237 14.17 9.08 -14.48
CA TYR A 237 15.44 9.25 -13.76
C TYR A 237 15.66 10.69 -13.34
N ILE A 238 15.92 10.88 -12.05
CA ILE A 238 16.30 12.18 -11.51
C ILE A 238 17.65 12.07 -10.79
N ASP A 239 18.60 12.89 -11.24
CA ASP A 239 19.94 12.90 -10.70
C ASP A 239 20.23 14.23 -9.99
N GLN A 240 20.57 14.13 -8.70
CA GLN A 240 20.84 15.32 -7.88
C GLN A 240 22.27 15.38 -7.36
N THR A 241 23.17 14.54 -7.89
CA THR A 241 24.56 14.50 -7.42
C THR A 241 25.38 15.72 -7.84
N ARG A 242 25.07 16.28 -9.00
CA ARG A 242 25.82 17.43 -9.54
C ARG A 242 25.20 18.77 -9.15
N GLU A 243 25.84 19.85 -9.60
CA GLU A 243 25.42 21.23 -9.31
C GLU A 243 23.99 21.52 -9.75
N ASN A 244 23.65 21.09 -10.97
CA ASN A 244 22.29 21.24 -11.49
C ASN A 244 21.60 19.88 -11.53
N VAL A 245 20.29 19.87 -11.30
CA VAL A 245 19.49 18.64 -11.31
C VAL A 245 19.31 18.14 -12.74
N LEU A 246 19.59 16.86 -12.94
CA LEU A 246 19.40 16.23 -14.25
C LEU A 246 18.15 15.34 -14.24
N VAL A 247 17.27 15.59 -15.19
CA VAL A 247 16.03 14.83 -15.33
C VAL A 247 15.99 14.15 -16.70
N GLU A 248 15.89 12.82 -16.68
CA GLU A 248 15.84 12.04 -17.92
C GLU A 248 14.44 11.47 -18.20
N THR A 249 14.06 11.52 -19.46
CA THR A 249 12.80 10.94 -19.91
C THR A 249 13.00 9.62 -20.66
N LEU A 250 11.91 8.88 -20.86
CA LEU A 250 11.94 7.55 -21.49
C LEU A 250 12.53 7.53 -22.91
N ASN A 251 12.30 8.58 -23.67
CA ASN A 251 12.89 8.68 -25.02
C ASN A 251 14.33 9.23 -25.04
N HIS A 252 14.98 9.25 -23.87
CA HIS A 252 16.40 9.59 -23.71
C HIS A 252 16.76 11.09 -23.70
N GLU A 253 15.75 11.96 -23.72
CA GLU A 253 15.99 13.39 -23.61
C GLU A 253 16.47 13.76 -22.21
N MET A 254 17.36 14.75 -22.13
CA MET A 254 17.90 15.20 -20.86
C MET A 254 17.46 16.63 -20.59
N TYR A 255 17.09 16.89 -19.34
CA TYR A 255 16.69 18.23 -18.92
C TYR A 255 17.46 18.61 -17.67
N GLU A 256 17.97 19.84 -17.67
CA GLU A 256 18.79 20.35 -16.59
C GLU A 256 18.11 21.55 -15.95
N ALA A 257 17.98 21.51 -14.62
CA ALA A 257 17.30 22.59 -13.91
C ALA A 257 17.89 22.86 -12.54
N LYS A 258 17.54 24.01 -11.96
CA LYS A 258 17.90 24.34 -10.59
C LYS A 258 16.99 23.61 -9.59
N TYR A 259 15.72 23.46 -9.94
CA TYR A 259 14.72 22.83 -9.07
C TYR A 259 13.74 21.99 -9.85
N VAL A 260 13.20 20.96 -9.18
CA VAL A 260 12.17 20.11 -9.75
C VAL A 260 10.91 20.15 -8.89
N ILE A 261 9.74 20.24 -9.54
CA ILE A 261 8.48 19.99 -8.88
C ILE A 261 7.96 18.64 -9.34
N SER A 262 7.76 17.74 -8.38
CA SER A 262 7.10 16.46 -8.64
C SER A 262 5.60 16.65 -8.43
N ALA A 263 4.84 16.65 -9.53
CA ALA A 263 3.39 16.88 -9.49
C ALA A 263 2.57 15.65 -9.92
N ILE A 264 3.03 14.48 -9.48
CA ILE A 264 2.38 13.21 -9.76
C ILE A 264 1.86 12.60 -8.44
N PRO A 265 0.90 11.67 -8.52
CA PRO A 265 0.48 10.93 -7.32
C PRO A 265 1.68 10.32 -6.60
N PRO A 266 1.74 10.43 -5.28
CA PRO A 266 2.89 9.96 -4.50
C PRO A 266 3.42 8.59 -4.90
N THR A 267 2.55 7.59 -5.06
CA THR A 267 3.04 6.27 -5.39
C THR A 267 3.69 6.17 -6.78
N LEU A 268 3.29 7.05 -7.70
CA LEU A 268 3.87 7.06 -9.06
C LEU A 268 5.30 7.58 -9.09
N GLY A 269 5.75 8.17 -7.98
CA GLY A 269 7.16 8.45 -7.77
C GLY A 269 8.03 7.20 -7.87
N MET A 270 7.42 6.03 -7.69
CA MET A 270 8.11 4.74 -7.83
C MET A 270 8.62 4.50 -9.24
N LYS A 271 7.97 5.12 -10.23
CA LYS A 271 8.35 4.98 -11.64
C LYS A 271 9.66 5.68 -11.96
N ILE A 272 10.16 6.48 -11.02
CA ILE A 272 11.40 7.23 -11.22
C ILE A 272 12.54 6.60 -10.43
N HIS A 273 13.70 6.49 -11.06
CA HIS A 273 14.90 6.02 -10.40
C HIS A 273 15.67 7.22 -9.91
N PHE A 274 16.05 7.20 -8.63
CA PHE A 274 16.68 8.36 -8.01
C PHE A 274 18.15 8.13 -7.71
N ASN A 275 18.94 9.19 -7.92
CA ASN A 275 20.35 9.25 -7.58
C ASN A 275 20.64 10.63 -7.01
N PRO A 276 21.01 10.72 -5.73
CA PRO A 276 21.20 9.55 -4.85
C PRO A 276 19.86 8.93 -4.43
N PRO A 277 19.85 7.76 -3.79
CA PRO A 277 18.57 7.14 -3.37
C PRO A 277 17.75 8.10 -2.50
N LEU A 278 16.43 7.98 -2.56
CA LEU A 278 15.54 8.77 -1.71
C LEU A 278 15.84 8.51 -0.24
N PRO A 279 15.60 9.51 0.62
CA PRO A 279 15.66 9.27 2.08
C PRO A 279 14.77 8.07 2.43
N MET A 280 15.14 7.34 3.48
CA MET A 280 14.45 6.11 3.85
C MET A 280 12.92 6.20 4.01
N MET A 281 12.44 7.27 4.64
CA MET A 281 11.02 7.40 4.92
C MET A 281 10.17 7.61 3.65
N ARG A 282 10.66 8.44 2.73
CA ARG A 282 9.99 8.59 1.43
C ARG A 282 10.06 7.32 0.59
N ASN A 283 11.22 6.65 0.60
CA ASN A 283 11.40 5.39 -0.13
C ASN A 283 10.32 4.36 0.22
N GLN A 284 10.00 4.24 1.50
CA GLN A 284 8.96 3.31 1.93
C GLN A 284 7.55 3.86 1.78
N MET A 285 7.38 5.17 1.99
CA MET A 285 6.08 5.83 1.92
C MET A 285 5.40 5.61 0.56
N ILE A 286 6.15 5.78 -0.52
CA ILE A 286 5.61 5.67 -1.89
C ILE A 286 5.16 4.26 -2.30
N THR A 287 5.42 3.27 -1.45
CA THR A 287 4.94 1.89 -1.65
C THR A 287 3.71 1.60 -0.79
N ARG A 288 3.34 2.56 0.05
CA ARG A 288 2.29 2.37 1.05
C ARG A 288 1.00 3.13 0.75
N VAL A 289 0.95 3.80 -0.41
CA VAL A 289 -0.14 4.76 -0.64
C VAL A 289 -0.83 4.56 -2.00
N PRO A 290 -1.76 3.60 -2.05
CA PRO A 290 -2.51 3.30 -3.28
C PRO A 290 -3.62 4.32 -3.55
N LEU A 291 -4.11 4.33 -4.79
CA LEU A 291 -5.29 5.13 -5.16
C LEU A 291 -6.51 4.21 -5.25
N GLY A 292 -7.70 4.80 -5.09
CA GLY A 292 -8.94 4.05 -5.09
C GLY A 292 -9.33 3.50 -6.45
N SER A 293 -10.47 2.79 -6.48
CA SER A 293 -10.96 2.14 -7.68
C SER A 293 -12.35 2.64 -8.06
N VAL A 294 -12.49 3.08 -9.32
CA VAL A 294 -13.76 3.62 -9.80
C VAL A 294 -13.90 3.51 -11.33
N ILE A 295 -15.13 3.23 -11.78
CA ILE A 295 -15.49 3.43 -13.18
C ILE A 295 -16.54 4.53 -13.22
N LYS A 296 -16.30 5.56 -14.03
CA LYS A 296 -17.28 6.62 -14.24
C LYS A 296 -18.06 6.29 -15.49
N CYS A 297 -19.38 6.21 -15.37
CA CYS A 297 -20.25 5.80 -16.49
C CYS A 297 -21.34 6.85 -16.75
N ILE A 298 -21.53 7.18 -18.02
CA ILE A 298 -22.57 8.13 -18.43
C ILE A 298 -23.51 7.52 -19.48
N VAL A 299 -24.78 7.41 -19.12
CA VAL A 299 -25.81 6.88 -20.02
C VAL A 299 -26.66 8.03 -20.56
N TYR A 300 -26.79 8.10 -21.88
CA TYR A 300 -27.50 9.19 -22.55
C TYR A 300 -28.92 8.80 -22.93
N TYR A 301 -29.82 9.77 -22.89
CA TYR A 301 -31.22 9.55 -23.23
C TYR A 301 -31.77 10.66 -24.12
N LYS A 302 -32.87 10.36 -24.82
CA LYS A 302 -33.57 11.32 -25.66
C LYS A 302 -33.94 12.59 -24.90
N GLU A 303 -34.40 12.41 -23.66
CA GLU A 303 -34.91 13.49 -22.81
C GLU A 303 -34.55 13.22 -21.35
N PRO A 304 -34.46 14.28 -20.52
CA PRO A 304 -34.28 14.09 -19.09
C PRO A 304 -35.61 13.72 -18.42
N PHE A 305 -36.08 12.51 -18.74
CA PHE A 305 -37.44 12.06 -18.41
C PHE A 305 -37.73 11.99 -16.92
N TRP A 306 -36.69 11.80 -16.10
CA TRP A 306 -36.83 11.75 -14.64
C TRP A 306 -37.42 13.02 -14.04
N ARG A 307 -37.15 14.16 -14.68
CA ARG A 307 -37.68 15.46 -14.26
C ARG A 307 -39.20 15.55 -14.28
N LYS A 308 -39.81 14.90 -15.28
CA LYS A 308 -41.27 14.87 -15.43
C LYS A 308 -41.94 14.17 -14.25
N LYS A 309 -41.22 13.21 -13.65
CA LYS A 309 -41.68 12.51 -12.45
C LYS A 309 -41.26 13.20 -11.16
N ASP A 310 -40.72 14.42 -11.31
CA ASP A 310 -40.24 15.23 -10.19
C ASP A 310 -39.06 14.55 -9.48
N TYR A 311 -38.15 13.98 -10.27
CA TYR A 311 -36.85 13.51 -9.81
C TYR A 311 -35.74 14.36 -10.45
N CYS A 312 -34.76 14.81 -9.67
CA CYS A 312 -33.66 15.60 -10.22
C CYS A 312 -32.62 14.76 -10.97
N GLY A 313 -32.55 13.48 -10.63
CA GLY A 313 -31.59 12.59 -11.27
C GLY A 313 -30.55 12.07 -10.29
N THR A 314 -30.60 12.57 -9.07
CA THR A 314 -29.75 12.08 -7.99
C THR A 314 -30.35 10.81 -7.42
N MET A 315 -29.54 9.76 -7.38
CA MET A 315 -29.95 8.52 -6.73
C MET A 315 -28.84 8.08 -5.77
N ILE A 316 -29.22 7.76 -4.53
CA ILE A 316 -28.32 7.15 -3.56
C ILE A 316 -28.80 5.72 -3.38
N ILE A 317 -28.01 4.76 -3.88
CA ILE A 317 -28.48 3.39 -4.06
C ILE A 317 -27.72 2.40 -3.18
N ASP A 318 -28.43 1.83 -2.22
CA ASP A 318 -27.89 0.88 -1.28
C ASP A 318 -27.98 -0.56 -1.79
N GLY A 319 -26.99 -1.37 -1.45
CA GLY A 319 -27.09 -2.80 -1.71
C GLY A 319 -25.99 -3.38 -2.58
N GLU A 320 -25.61 -4.62 -2.26
CA GLU A 320 -24.55 -5.34 -2.97
C GLU A 320 -24.87 -5.54 -4.45
N GLU A 321 -26.16 -5.75 -4.74
CA GLU A 321 -26.62 -6.06 -6.09
C GLU A 321 -26.51 -4.88 -7.05
N ALA A 322 -26.63 -3.66 -6.53
CA ALA A 322 -26.55 -2.47 -7.37
C ALA A 322 -25.10 -2.21 -7.81
N PRO A 323 -24.86 -2.21 -9.12
CA PRO A 323 -23.53 -1.87 -9.65
C PRO A 323 -23.12 -0.42 -9.35
N VAL A 324 -24.07 0.50 -9.43
CA VAL A 324 -23.84 1.93 -9.20
C VAL A 324 -24.49 2.34 -7.88
N ALA A 325 -23.74 3.02 -7.02
CA ALA A 325 -24.27 3.46 -5.72
C ALA A 325 -24.67 4.94 -5.69
N TYR A 326 -24.28 5.70 -6.71
CA TYR A 326 -24.57 7.14 -6.76
C TYR A 326 -24.64 7.68 -8.18
N THR A 327 -25.67 8.47 -8.44
CA THR A 327 -25.81 9.14 -9.73
C THR A 327 -26.07 10.62 -9.56
N LEU A 328 -25.78 11.37 -10.62
CA LEU A 328 -26.22 12.76 -10.78
C LEU A 328 -26.68 13.00 -12.21
N ASP A 329 -27.62 13.93 -12.37
CA ASP A 329 -28.04 14.43 -13.67
C ASP A 329 -26.82 15.06 -14.37
N ASP A 330 -26.53 14.60 -15.58
CA ASP A 330 -25.40 15.11 -16.36
C ASP A 330 -25.84 15.79 -17.67
N THR A 331 -27.12 16.17 -17.73
CA THR A 331 -27.66 16.97 -18.83
C THR A 331 -26.93 18.31 -18.94
N LYS A 332 -26.72 18.76 -20.16
CA LYS A 332 -26.14 20.09 -20.42
C LYS A 332 -27.07 21.18 -19.86
N PRO A 333 -26.53 22.35 -19.54
CA PRO A 333 -27.33 23.44 -18.94
C PRO A 333 -28.45 23.91 -19.90
N GLU A 334 -28.29 23.63 -21.19
CA GLU A 334 -29.28 23.99 -22.20
C GLU A 334 -30.49 23.06 -22.18
N GLY A 335 -30.36 21.91 -21.49
CA GLY A 335 -31.46 20.95 -21.39
C GLY A 335 -31.38 19.83 -22.41
N ASN A 336 -30.31 19.82 -23.20
CA ASN A 336 -30.11 18.78 -24.21
C ASN A 336 -28.98 17.81 -23.82
N TYR A 337 -28.78 16.78 -24.63
CA TYR A 337 -27.85 15.67 -24.33
C TYR A 337 -28.14 15.10 -22.93
N ALA A 338 -29.42 14.84 -22.68
CA ALA A 338 -29.88 14.28 -21.41
C ALA A 338 -29.05 13.06 -21.03
N ALA A 339 -28.57 13.03 -19.80
CA ALA A 339 -27.67 11.97 -19.34
C ALA A 339 -27.72 11.73 -17.83
N ILE A 340 -27.40 10.49 -17.45
CA ILE A 340 -27.19 10.13 -16.05
C ILE A 340 -25.73 9.73 -15.84
N MET A 341 -25.05 10.41 -14.93
CA MET A 341 -23.71 10.03 -14.51
C MET A 341 -23.79 9.13 -13.28
N GLY A 342 -23.09 8.00 -13.32
CA GLY A 342 -23.01 7.09 -12.18
C GLY A 342 -21.61 6.58 -11.91
N PHE A 343 -21.30 6.33 -10.64
CA PHE A 343 -20.02 5.75 -10.23
C PHE A 343 -20.14 4.27 -9.88
N ILE A 344 -19.22 3.46 -10.39
CA ILE A 344 -19.08 2.07 -9.92
C ILE A 344 -17.87 2.05 -8.99
N LEU A 345 -18.11 1.74 -7.72
CA LEU A 345 -17.14 2.04 -6.66
C LEU A 345 -16.41 0.83 -6.09
N ALA A 346 -15.12 1.04 -5.83
CA ALA A 346 -14.31 0.13 -4.99
C ALA A 346 -14.34 -1.31 -5.50
N HIS A 347 -14.76 -2.26 -4.67
CA HIS A 347 -14.76 -3.68 -5.08
C HIS A 347 -15.67 -3.98 -6.27
N LYS A 348 -16.71 -3.18 -6.47
CA LYS A 348 -17.56 -3.35 -7.64
C LYS A 348 -16.88 -2.93 -8.95
N ALA A 349 -15.97 -1.96 -8.87
CA ALA A 349 -15.16 -1.58 -10.03
C ALA A 349 -14.28 -2.74 -10.49
N ARG A 350 -13.69 -3.46 -9.54
CA ARG A 350 -12.86 -4.64 -9.83
C ARG A 350 -13.70 -5.81 -10.37
N LYS A 351 -14.86 -6.02 -9.75
CA LYS A 351 -15.76 -7.12 -10.09
C LYS A 351 -16.40 -6.96 -11.49
N LEU A 352 -16.95 -5.79 -11.77
CA LEU A 352 -17.68 -5.55 -13.02
C LEU A 352 -16.79 -5.15 -14.22
N ALA A 353 -15.50 -4.96 -13.96
CA ALA A 353 -14.53 -4.70 -15.03
C ALA A 353 -14.38 -5.87 -16.02
N ARG A 354 -14.71 -7.07 -15.56
CA ARG A 354 -14.61 -8.30 -16.36
C ARG A 354 -15.63 -8.33 -17.50
N LEU A 355 -16.75 -7.64 -17.29
CA LEU A 355 -17.83 -7.59 -18.28
C LEU A 355 -17.44 -6.72 -19.47
N THR A 356 -18.20 -6.82 -20.55
CA THR A 356 -18.03 -5.93 -21.70
C THR A 356 -18.71 -4.60 -21.43
N LYS A 357 -18.37 -3.59 -22.24
CA LYS A 357 -19.02 -2.29 -22.21
C LYS A 357 -20.55 -2.42 -22.31
N GLU A 358 -21.00 -3.30 -23.21
CA GLU A 358 -22.42 -3.53 -23.46
C GLU A 358 -23.12 -4.14 -22.24
N GLU A 359 -22.45 -5.10 -21.60
CA GLU A 359 -22.99 -5.75 -20.41
C GLU A 359 -23.16 -4.77 -19.25
N ARG A 360 -22.20 -3.86 -19.08
CA ARG A 360 -22.29 -2.81 -18.06
C ARG A 360 -23.45 -1.85 -18.32
N LEU A 361 -23.60 -1.42 -19.58
CA LEU A 361 -24.71 -0.56 -19.98
C LEU A 361 -26.06 -1.18 -19.63
N LYS A 362 -26.25 -2.45 -19.98
CA LYS A 362 -27.48 -3.19 -19.68
C LYS A 362 -27.83 -3.18 -18.19
N LYS A 363 -26.84 -3.50 -17.35
CA LYS A 363 -27.03 -3.55 -15.90
C LYS A 363 -27.39 -2.20 -15.30
N LEU A 364 -26.81 -1.14 -15.85
CA LEU A 364 -27.08 0.22 -15.37
C LEU A 364 -28.50 0.66 -15.72
N CYS A 365 -28.92 0.42 -16.96
CA CYS A 365 -30.25 0.78 -17.43
C CYS A 365 -31.33 0.06 -16.63
N GLU A 366 -31.15 -1.24 -16.43
CA GLU A 366 -32.07 -2.05 -15.65
C GLU A 366 -32.15 -1.58 -14.19
N LEU A 367 -31.03 -1.15 -13.63
CA LEU A 367 -31.00 -0.57 -12.29
C LEU A 367 -31.77 0.77 -12.24
N TYR A 368 -31.42 1.67 -13.14
CA TYR A 368 -32.07 2.98 -13.23
C TYR A 368 -33.58 2.86 -13.43
N ALA A 369 -34.00 1.91 -14.25
CA ALA A 369 -35.41 1.65 -14.51
C ALA A 369 -36.17 1.30 -13.21
N LYS A 370 -35.54 0.46 -12.39
CA LYS A 370 -36.05 0.10 -11.07
C LYS A 370 -36.10 1.31 -10.15
N VAL A 371 -34.98 2.02 -10.04
CA VAL A 371 -34.88 3.13 -9.09
C VAL A 371 -35.80 4.30 -9.45
N LEU A 372 -35.88 4.63 -10.73
CA LEU A 372 -36.71 5.76 -11.20
C LEU A 372 -38.14 5.34 -11.52
N GLY A 373 -38.40 4.03 -11.45
CA GLY A 373 -39.70 3.48 -11.79
C GLY A 373 -40.14 3.80 -13.21
N SER A 374 -39.18 3.74 -14.15
CA SER A 374 -39.41 4.21 -15.51
C SER A 374 -38.85 3.25 -16.54
N LEU A 375 -39.73 2.74 -17.41
CA LEU A 375 -39.32 1.97 -18.58
C LEU A 375 -38.44 2.77 -19.56
N GLU A 376 -38.61 4.08 -19.59
CA GLU A 376 -37.80 4.95 -20.46
C GLU A 376 -36.29 4.76 -20.24
N ALA A 377 -35.90 4.39 -19.02
CA ALA A 377 -34.49 4.14 -18.67
C ALA A 377 -33.88 2.96 -19.41
N LEU A 378 -34.74 2.15 -20.03
CA LEU A 378 -34.29 0.98 -20.80
C LEU A 378 -33.98 1.32 -22.26
N GLU A 379 -34.06 2.61 -22.60
CA GLU A 379 -33.84 3.08 -23.97
C GLU A 379 -32.70 4.09 -24.13
N PRO A 380 -31.47 3.71 -23.79
CA PRO A 380 -30.33 4.63 -23.92
C PRO A 380 -30.06 4.93 -25.39
N VAL A 381 -29.59 6.15 -25.69
CA VAL A 381 -29.25 6.52 -27.07
C VAL A 381 -27.73 6.48 -27.30
N HIS A 382 -26.97 6.50 -26.20
CA HIS A 382 -25.51 6.52 -26.21
C HIS A 382 -24.97 6.17 -24.83
N TYR A 383 -23.69 5.78 -24.76
CA TYR A 383 -23.04 5.40 -23.52
C TYR A 383 -21.55 5.71 -23.59
N GLU A 384 -21.03 6.35 -22.55
CA GLU A 384 -19.57 6.51 -22.36
C GLU A 384 -19.17 6.09 -20.95
N GLU A 385 -17.93 5.62 -20.81
CA GLU A 385 -17.42 5.11 -19.54
C GLU A 385 -15.89 5.17 -19.48
N LYS A 386 -15.34 5.26 -18.28
CA LYS A 386 -13.89 5.18 -18.11
C LYS A 386 -13.50 4.45 -16.82
N ASN A 387 -12.80 3.33 -16.96
CA ASN A 387 -12.22 2.63 -15.83
C ASN A 387 -10.85 3.21 -15.51
N TRP A 388 -10.76 3.95 -14.41
CA TRP A 388 -9.52 4.61 -14.04
C TRP A 388 -8.45 3.69 -13.45
N CYS A 389 -8.86 2.47 -13.05
CA CYS A 389 -7.94 1.47 -12.50
C CYS A 389 -6.89 1.00 -13.48
N GLU A 390 -7.20 1.13 -14.77
CA GLU A 390 -6.33 0.62 -15.83
C GLU A 390 -5.26 1.64 -16.28
N GLU A 391 -5.26 2.82 -15.68
CA GLU A 391 -4.34 3.90 -16.07
C GLU A 391 -2.95 3.81 -15.39
N GLN A 392 -1.94 3.49 -16.20
CA GLN A 392 -0.55 3.42 -15.73
C GLN A 392 -0.06 4.72 -15.07
N TYR A 393 -0.48 5.86 -15.63
CA TYR A 393 0.01 7.16 -15.16
C TYR A 393 -0.98 7.92 -14.27
N SER A 394 -1.96 7.18 -13.73
CA SER A 394 -2.81 7.66 -12.64
C SER A 394 -2.76 6.69 -11.47
N GLY A 395 -2.96 5.40 -11.74
CA GLY A 395 -2.97 4.37 -10.70
C GLY A 395 -4.34 4.13 -10.08
N GLY A 396 -5.30 5.00 -10.40
CA GLY A 396 -6.66 4.92 -9.87
C GLY A 396 -7.31 6.29 -9.76
N CYS A 397 -8.45 6.36 -9.09
CA CYS A 397 -9.17 7.62 -8.87
C CYS A 397 -10.12 7.44 -7.67
N TYR A 398 -10.55 8.53 -7.03
CA TYR A 398 -10.18 9.90 -7.38
C TYR A 398 -8.77 10.23 -6.92
N THR A 399 -8.38 9.61 -5.80
CA THR A 399 -7.17 10.01 -5.11
C THR A 399 -6.54 8.89 -4.27
N THR A 400 -5.50 9.28 -3.54
CA THR A 400 -4.71 8.39 -2.71
C THR A 400 -5.39 8.18 -1.36
N TYR A 401 -5.58 6.93 -0.97
CA TYR A 401 -6.02 6.64 0.39
C TYR A 401 -4.88 6.09 1.25
N PHE A 402 -5.00 6.23 2.56
CA PHE A 402 -4.00 5.73 3.50
C PHE A 402 -4.56 4.56 4.30
N PRO A 403 -3.98 3.37 4.12
CA PRO A 403 -4.32 2.20 4.95
C PRO A 403 -3.96 2.42 6.42
N PRO A 404 -4.52 1.63 7.34
CA PRO A 404 -4.22 1.79 8.77
C PRO A 404 -2.73 1.75 9.06
N GLY A 405 -2.28 2.72 9.86
CA GLY A 405 -0.91 2.77 10.34
C GLY A 405 0.03 3.69 9.58
N ILE A 406 -0.38 4.14 8.40
CA ILE A 406 0.54 4.81 7.48
C ILE A 406 0.65 6.32 7.70
N LEU A 407 -0.47 7.01 7.85
CA LEU A 407 -0.48 8.47 8.02
C LEU A 407 0.35 8.95 9.21
N THR A 408 0.29 8.25 10.34
CA THR A 408 1.08 8.66 11.52
C THR A 408 2.56 8.34 11.36
N GLN A 409 2.88 7.27 10.63
CA GLN A 409 4.26 6.84 10.48
C GLN A 409 4.99 7.59 9.38
N TYR A 410 4.30 7.91 8.28
CA TYR A 410 4.93 8.45 7.08
C TYR A 410 4.33 9.78 6.60
N GLY A 411 3.23 10.18 7.21
CA GLY A 411 2.49 11.36 6.80
C GLY A 411 3.27 12.65 6.63
N ARG A 412 4.18 12.92 7.56
CA ARG A 412 4.93 14.18 7.55
C ARG A 412 5.94 14.30 6.41
N VAL A 413 6.11 13.21 5.67
CA VAL A 413 7.09 13.11 4.58
C VAL A 413 6.49 13.55 3.24
N LEU A 414 5.16 13.54 3.16
CA LEU A 414 4.42 13.79 1.91
C LEU A 414 4.91 14.99 1.09
N ARG A 415 4.98 16.17 1.72
CA ARG A 415 5.43 17.37 1.01
C ARG A 415 6.78 17.92 1.49
N GLN A 416 7.53 17.11 2.23
CA GLN A 416 8.88 17.44 2.66
C GLN A 416 9.84 17.38 1.45
N PRO A 417 10.50 18.49 1.15
CA PRO A 417 11.41 18.58 0.00
C PRO A 417 12.55 17.57 0.11
N VAL A 418 12.94 17.00 -1.02
CA VAL A 418 14.11 16.14 -1.07
C VAL A 418 15.17 16.90 -1.86
N ASP A 419 16.04 17.59 -1.12
CA ASP A 419 17.10 18.41 -1.71
C ASP A 419 16.47 19.53 -2.58
N ARG A 420 16.50 19.38 -3.89
CA ARG A 420 15.93 20.39 -4.78
C ARG A 420 14.62 19.93 -5.46
N ILE A 421 14.09 18.80 -5.01
CA ILE A 421 12.76 18.34 -5.43
C ILE A 421 11.71 18.79 -4.43
N TYR A 422 10.69 19.48 -4.94
CA TYR A 422 9.57 19.96 -4.14
C TYR A 422 8.32 19.22 -4.61
N PHE A 423 7.33 19.08 -3.74
CA PHE A 423 6.21 18.19 -4.04
C PHE A 423 4.85 18.87 -4.14
N ALA A 424 4.25 18.80 -5.32
CA ALA A 424 2.89 19.29 -5.55
C ALA A 424 1.95 18.08 -5.67
N GLY A 425 0.86 18.25 -6.42
CA GLY A 425 -0.13 17.20 -6.56
C GLY A 425 -1.19 17.31 -5.49
N THR A 426 -2.44 17.06 -5.84
CA THR A 426 -3.55 17.27 -4.93
C THR A 426 -3.38 16.58 -3.58
N GLU A 427 -2.64 15.46 -3.55
CA GLU A 427 -2.44 14.68 -2.31
C GLU A 427 -1.71 15.45 -1.19
N THR A 428 -0.97 16.49 -1.58
CA THR A 428 -0.17 17.29 -0.64
C THR A 428 -0.87 18.57 -0.15
N ALA A 429 -2.10 18.79 -0.62
CA ALA A 429 -2.87 19.98 -0.24
C ALA A 429 -3.46 19.85 1.16
N THR A 430 -3.85 20.98 1.74
CA THR A 430 -4.43 21.03 3.09
C THR A 430 -5.93 21.34 3.10
N HIS A 431 -6.46 21.71 1.94
CA HIS A 431 -7.88 22.06 1.81
C HIS A 431 -8.40 21.51 0.49
N TRP A 432 -9.35 20.57 0.58
CA TRP A 432 -9.86 19.84 -0.58
C TRP A 432 -8.75 19.03 -1.29
N SER A 433 -7.85 18.44 -0.50
CA SER A 433 -6.95 17.41 -1.02
C SER A 433 -7.81 16.30 -1.62
N GLY A 434 -7.37 15.79 -2.78
CA GLY A 434 -8.14 14.83 -3.55
C GLY A 434 -8.94 15.44 -4.70
N TYR A 435 -9.08 16.77 -4.69
CA TYR A 435 -9.89 17.47 -5.68
C TYR A 435 -9.05 18.34 -6.59
N MET A 436 -9.68 18.90 -7.63
CA MET A 436 -9.04 19.88 -8.50
C MET A 436 -8.59 21.11 -7.72
N GLU A 437 -9.42 21.55 -6.77
CA GLU A 437 -9.04 22.63 -5.84
C GLU A 437 -7.69 22.34 -5.14
N GLY A 438 -7.54 21.12 -4.63
CA GLY A 438 -6.31 20.74 -3.94
C GLY A 438 -5.10 20.70 -4.85
N ALA A 439 -5.32 20.38 -6.12
CA ALA A 439 -4.27 20.38 -7.11
C ALA A 439 -3.71 21.80 -7.32
N VAL A 440 -4.63 22.77 -7.42
CA VAL A 440 -4.25 24.18 -7.57
C VAL A 440 -3.51 24.68 -6.33
N GLU A 441 -4.02 24.36 -5.14
CA GLU A 441 -3.37 24.77 -3.89
C GLU A 441 -1.94 24.21 -3.80
N ALA A 442 -1.79 22.92 -4.08
CA ALA A 442 -0.49 22.26 -3.95
C ALA A 442 0.53 22.72 -5.00
N GLY A 443 0.08 22.92 -6.24
CA GLY A 443 0.94 23.38 -7.32
C GLY A 443 1.50 24.76 -7.10
N GLU A 444 0.61 25.69 -6.72
CA GLU A 444 0.98 27.08 -6.48
C GLU A 444 1.84 27.25 -5.20
N ARG A 445 1.57 26.41 -4.20
CA ARG A 445 2.37 26.40 -2.98
C ARG A 445 3.78 25.85 -3.25
N ALA A 446 3.87 24.72 -3.96
CA ALA A 446 5.17 24.17 -4.35
C ALA A 446 6.00 25.16 -5.18
N ALA A 447 5.33 25.86 -6.10
CA ALA A 447 5.98 26.89 -6.90
C ALA A 447 6.57 28.00 -6.03
N ARG A 448 5.81 28.45 -5.03
CA ARG A 448 6.24 29.50 -4.12
C ARG A 448 7.35 29.05 -3.16
N GLU A 449 7.35 27.77 -2.81
CA GLU A 449 8.46 27.20 -2.04
C GLU A 449 9.79 27.40 -2.80
N ILE A 450 9.75 27.22 -4.11
CA ILE A 450 10.94 27.40 -4.93
C ILE A 450 11.31 28.88 -5.04
N LEU A 451 10.30 29.73 -5.26
CA LEU A 451 10.51 31.18 -5.26
C LEU A 451 11.20 31.69 -3.98
N HIS A 452 10.80 31.13 -2.84
CA HIS A 452 11.44 31.46 -1.57
C HIS A 452 12.89 30.97 -1.52
N ALA A 453 13.13 29.73 -1.95
CA ALA A 453 14.48 29.18 -1.98
C ALA A 453 15.42 29.97 -2.90
N MET A 454 14.85 30.68 -3.86
CA MET A 454 15.62 31.52 -4.76
C MET A 454 15.79 32.94 -4.23
N GLY A 455 15.21 33.21 -3.05
CA GLY A 455 15.25 34.52 -2.42
C GLY A 455 14.38 35.58 -3.09
N LYS A 456 13.37 35.13 -3.84
CA LYS A 456 12.49 36.04 -4.57
C LYS A 456 11.29 36.49 -3.76
N ILE A 457 10.89 35.70 -2.77
CA ILE A 457 9.78 36.05 -1.87
C ILE A 457 10.12 35.66 -0.42
N PRO A 458 9.53 36.37 0.55
CA PRO A 458 9.67 35.99 1.97
C PRO A 458 8.94 34.69 2.32
N GLU A 459 9.47 33.97 3.32
CA GLU A 459 8.88 32.73 3.84
C GLU A 459 7.38 32.90 4.12
N ASP A 460 7.05 34.08 4.67
CA ASP A 460 5.71 34.62 4.84
C ASP A 460 4.72 34.30 3.70
N GLU A 461 5.22 34.24 2.47
CA GLU A 461 4.35 34.21 1.29
C GLU A 461 4.19 32.85 0.62
N ILE A 462 4.78 31.80 1.19
CA ILE A 462 4.67 30.44 0.64
C ILE A 462 3.23 29.96 0.67
N TRP A 463 2.58 30.08 1.82
CA TRP A 463 1.17 29.73 1.97
C TRP A 463 0.33 30.99 1.87
N GLN A 464 -0.53 31.05 0.86
CA GLN A 464 -1.35 32.22 0.59
C GLN A 464 -2.83 31.88 0.64
N SER A 465 -3.59 32.70 1.36
CA SER A 465 -5.05 32.59 1.40
C SER A 465 -5.69 33.02 0.07
N GLU A 466 -6.93 32.58 -0.16
CA GLU A 466 -7.64 32.87 -1.41
C GLU A 466 -8.94 33.63 -1.16
N PRO A 467 -9.15 34.75 -1.88
CA PRO A 467 -10.40 35.51 -1.76
C PRO A 467 -11.59 34.69 -2.23
N GLU A 468 -12.74 34.84 -1.57
CA GLU A 468 -13.94 34.09 -1.93
C GLU A 468 -14.45 34.50 -3.32
N SER A 469 -14.83 33.50 -4.12
CA SER A 469 -15.43 33.73 -5.43
C SER A 469 -16.72 34.56 -5.31
N VAL A 470 -16.88 35.54 -6.19
CA VAL A 470 -18.12 36.33 -6.23
C VAL A 470 -19.21 35.57 -6.99
N ASP A 471 -18.80 34.65 -7.85
CA ASP A 471 -19.73 33.88 -8.68
C ASP A 471 -20.31 32.67 -7.93
N VAL A 472 -19.52 32.10 -7.02
CA VAL A 472 -19.94 30.93 -6.26
C VAL A 472 -19.78 31.16 -4.75
N PRO A 473 -20.68 31.95 -4.17
CA PRO A 473 -20.59 32.29 -2.76
C PRO A 473 -20.93 31.10 -1.85
N ALA A 474 -20.29 31.04 -0.69
CA ALA A 474 -20.48 29.94 0.23
C ALA A 474 -21.44 30.32 1.35
N GLN A 475 -22.55 29.58 1.44
CA GLN A 475 -23.43 29.67 2.60
C GLN A 475 -22.78 28.86 3.72
N PRO A 476 -22.83 29.34 4.95
CA PRO A 476 -22.20 28.65 6.07
C PRO A 476 -22.95 27.36 6.42
N ILE A 477 -22.24 26.41 7.00
CA ILE A 477 -22.85 25.15 7.43
C ILE A 477 -23.45 25.32 8.83
N THR A 478 -24.76 25.13 8.93
CA THR A 478 -25.48 25.32 10.20
C THR A 478 -26.00 24.00 10.76
N THR A 479 -26.11 23.93 12.08
CA THR A 479 -26.81 22.83 12.75
C THR A 479 -28.02 23.37 13.53
N THR A 480 -29.00 22.50 13.82
CA THR A 480 -30.12 22.87 14.68
C THR A 480 -29.80 22.52 16.13
N PHE A 481 -30.60 23.05 17.04
CA PHE A 481 -30.47 22.76 18.47
C PHE A 481 -30.60 21.27 18.76
N LEU A 482 -31.61 20.63 18.18
CA LEU A 482 -31.86 19.20 18.38
C LEU A 482 -30.71 18.36 17.82
N GLU A 483 -30.23 18.73 16.64
CA GLU A 483 -29.10 18.03 15.99
C GLU A 483 -27.87 18.00 16.89
N ARG A 484 -27.64 19.10 17.61
CA ARG A 484 -26.49 19.22 18.51
C ARG A 484 -26.65 18.44 19.83
N HIS A 485 -27.87 18.40 20.36
CA HIS A 485 -28.08 17.89 21.73
C HIS A 485 -28.86 16.57 21.88
N LEU A 486 -29.47 16.09 20.81
CA LEU A 486 -30.11 14.76 20.86
C LEU A 486 -29.06 13.71 21.22
N PRO A 487 -29.40 12.78 22.09
CA PRO A 487 -28.44 11.76 22.54
C PRO A 487 -28.19 10.69 21.48
N SER A 488 -27.05 10.00 21.60
CA SER A 488 -26.77 8.81 20.81
C SER A 488 -27.65 7.66 21.30
N VAL A 489 -27.60 6.51 20.62
CA VAL A 489 -28.32 5.32 21.11
C VAL A 489 -27.80 4.89 22.49
N PRO A 490 -26.49 4.67 22.65
CA PRO A 490 -25.94 4.33 23.97
C PRO A 490 -26.18 5.42 25.02
N GLY A 491 -26.23 6.68 24.58
CA GLY A 491 -26.57 7.80 25.45
C GLY A 491 -28.00 7.77 25.97
N LEU A 492 -28.94 7.36 25.10
CA LEU A 492 -30.33 7.16 25.50
C LEU A 492 -30.47 5.98 26.48
N LEU A 493 -29.72 4.91 26.22
CA LEU A 493 -29.72 3.72 27.09
C LEU A 493 -29.17 4.03 28.48
N ARG A 494 -28.20 4.92 28.55
CA ARG A 494 -27.66 5.40 29.83
C ARG A 494 -28.69 6.25 30.58
N LEU A 495 -29.44 7.06 29.84
CA LEU A 495 -30.54 7.85 30.38
C LEU A 495 -31.67 6.96 30.92
N ILE A 496 -31.78 5.74 30.41
CA ILE A 496 -32.74 4.76 30.88
C ILE A 496 -32.23 4.02 32.13
N GLY A 497 -30.95 3.64 32.13
CA GLY A 497 -30.33 3.01 33.28
C GLY A 497 -30.30 3.89 34.51
N LEU A 498 -30.19 5.20 34.29
CA LEU A 498 -30.17 6.21 35.36
C LEU A 498 -31.53 6.39 36.01
N THR A 499 -32.58 6.43 35.19
CA THR A 499 -33.96 6.54 35.65
C THR A 499 -34.39 5.27 36.43
N THR A 500 -33.88 4.12 36.00
CA THR A 500 -34.10 2.85 36.70
C THR A 500 -33.14 2.72 37.90
N ILE A 501 -33.31 3.59 38.89
CA ILE A 501 -32.53 3.58 40.13
C ILE A 501 -33.17 4.51 41.15
N ASN B 3 22.13 -7.82 -26.61
CA ASN B 3 20.84 -7.85 -27.38
C ASN B 3 20.06 -9.17 -27.18
N LYS B 4 20.33 -10.18 -28.01
CA LYS B 4 19.41 -11.31 -28.17
C LYS B 4 19.68 -12.55 -27.32
N CYS B 5 18.60 -13.13 -26.79
CA CYS B 5 18.65 -14.33 -25.97
C CYS B 5 17.27 -15.00 -25.93
N ASP B 6 17.16 -16.16 -25.29
CA ASP B 6 15.88 -16.84 -25.10
C ASP B 6 15.04 -16.23 -23.97
N VAL B 7 15.68 -15.99 -22.82
CA VAL B 7 14.99 -15.46 -21.64
C VAL B 7 15.80 -14.35 -20.94
N VAL B 8 15.14 -13.22 -20.70
CA VAL B 8 15.68 -12.20 -19.82
C VAL B 8 15.10 -12.39 -18.41
N VAL B 9 15.98 -12.48 -17.42
CA VAL B 9 15.57 -12.49 -16.02
C VAL B 9 15.86 -11.13 -15.40
N VAL B 10 14.82 -10.50 -14.84
CA VAL B 10 14.96 -9.21 -14.16
C VAL B 10 15.15 -9.45 -12.67
N GLY B 11 16.34 -9.15 -12.17
CA GLY B 11 16.67 -9.32 -10.76
C GLY B 11 17.64 -10.48 -10.52
N GLY B 12 18.73 -10.18 -9.84
CA GLY B 12 19.74 -11.18 -9.53
C GLY B 12 19.82 -11.59 -8.07
N GLY B 13 18.67 -11.71 -7.42
CA GLY B 13 18.60 -12.28 -6.09
C GLY B 13 18.56 -13.79 -6.22
N ILE B 14 18.34 -14.49 -5.11
CA ILE B 14 18.26 -15.95 -5.13
C ILE B 14 17.22 -16.49 -6.12
N SER B 15 16.06 -15.83 -6.19
CA SER B 15 14.99 -16.28 -7.08
C SER B 15 15.37 -16.16 -8.56
N GLY B 16 15.88 -14.99 -8.96
CA GLY B 16 16.33 -14.76 -10.32
C GLY B 16 17.50 -15.65 -10.71
N MET B 17 18.46 -15.80 -9.80
CA MET B 17 19.63 -16.65 -10.04
C MET B 17 19.25 -18.14 -10.18
N ALA B 18 18.34 -18.62 -9.34
CA ALA B 18 17.87 -20.01 -9.42
C ALA B 18 17.15 -20.29 -10.73
N ALA B 19 16.24 -19.39 -11.12
CA ALA B 19 15.57 -19.45 -12.43
C ALA B 19 16.59 -19.50 -13.57
N ALA B 20 17.56 -18.60 -13.54
CA ALA B 20 18.57 -18.51 -14.60
C ALA B 20 19.42 -19.77 -14.68
N LYS B 21 19.81 -20.29 -13.52
CA LYS B 21 20.57 -21.54 -13.46
C LYS B 21 19.79 -22.69 -14.10
N LEU B 22 18.52 -22.84 -13.71
CA LEU B 22 17.69 -23.91 -14.26
C LEU B 22 17.59 -23.82 -15.79
N LEU B 23 17.27 -22.63 -16.30
CA LEU B 23 17.11 -22.40 -17.75
C LEU B 23 18.42 -22.64 -18.51
N HIS B 24 19.53 -22.18 -17.94
CA HIS B 24 20.86 -22.35 -18.52
C HIS B 24 21.27 -23.83 -18.57
N ASP B 25 20.95 -24.57 -17.51
CA ASP B 25 21.23 -26.00 -17.44
C ASP B 25 20.35 -26.79 -18.42
N SER B 26 19.24 -26.19 -18.83
CA SER B 26 18.33 -26.81 -19.79
C SER B 26 18.69 -26.50 -21.25
N GLY B 27 19.72 -25.69 -21.46
CA GLY B 27 20.22 -25.42 -22.80
C GLY B 27 19.87 -24.06 -23.38
N LEU B 28 19.06 -23.26 -22.67
CA LEU B 28 18.67 -21.95 -23.19
C LEU B 28 19.71 -20.86 -22.92
N ASN B 29 19.69 -19.84 -23.77
CA ASN B 29 20.54 -18.67 -23.59
C ASN B 29 19.83 -17.62 -22.72
N VAL B 30 20.39 -17.35 -21.54
CA VAL B 30 19.76 -16.50 -20.54
C VAL B 30 20.63 -15.32 -20.18
N VAL B 31 19.97 -14.20 -19.88
CA VAL B 31 20.63 -12.99 -19.38
C VAL B 31 19.93 -12.57 -18.09
N VAL B 32 20.72 -12.21 -17.09
CA VAL B 32 20.21 -11.69 -15.84
C VAL B 32 20.52 -10.19 -15.78
N LEU B 33 19.48 -9.38 -15.63
CA LEU B 33 19.66 -7.93 -15.49
C LEU B 33 19.46 -7.51 -14.04
N GLU B 34 20.54 -7.06 -13.42
CA GLU B 34 20.55 -6.71 -12.00
C GLU B 34 20.82 -5.21 -11.80
N ALA B 35 20.00 -4.57 -10.96
CA ALA B 35 20.06 -3.13 -10.73
C ALA B 35 21.29 -2.66 -9.95
N ARG B 36 21.69 -3.44 -8.94
CA ARG B 36 22.83 -3.11 -8.08
C ARG B 36 24.18 -3.53 -8.66
N ASP B 37 25.25 -3.12 -8.00
CA ASP B 37 26.61 -3.53 -8.34
C ASP B 37 26.98 -4.89 -7.74
N ARG B 38 25.97 -5.62 -7.30
CA ARG B 38 26.13 -6.94 -6.68
C ARG B 38 24.89 -7.80 -6.89
N VAL B 39 25.06 -9.11 -6.77
CA VAL B 39 23.93 -10.04 -6.72
C VAL B 39 23.57 -10.33 -5.25
N GLY B 40 22.44 -10.97 -5.01
CA GLY B 40 22.04 -11.39 -3.67
C GLY B 40 20.76 -10.77 -3.17
N GLY B 41 20.50 -9.53 -3.59
CA GLY B 41 19.31 -8.80 -3.23
C GLY B 41 19.12 -8.61 -1.73
N ARG B 42 18.11 -9.29 -1.19
CA ARG B 42 17.82 -9.23 0.24
C ARG B 42 18.73 -10.13 1.09
N THR B 43 19.63 -10.87 0.46
CA THR B 43 20.76 -11.47 1.15
C THR B 43 21.99 -10.65 0.81
N TYR B 44 22.83 -10.40 1.80
CA TYR B 44 24.09 -9.68 1.60
C TYR B 44 25.07 -10.11 2.69
N THR B 45 26.18 -10.70 2.27
CA THR B 45 27.25 -11.09 3.19
C THR B 45 28.40 -10.08 3.15
N LEU B 46 28.61 -9.40 4.28
CA LEU B 46 29.72 -8.45 4.43
C LEU B 46 30.97 -9.18 4.93
N ARG B 47 32.11 -8.92 4.30
CA ARG B 47 33.40 -9.44 4.76
C ARG B 47 34.35 -8.31 5.12
N ASN B 48 34.88 -8.38 6.33
CA ASN B 48 36.02 -7.57 6.75
C ASN B 48 36.79 -8.33 7.82
N GLN B 49 37.93 -7.78 8.23
CA GLN B 49 38.80 -8.46 9.18
C GLN B 49 38.19 -8.62 10.57
N LYS B 50 37.35 -7.68 10.96
CA LYS B 50 36.77 -7.68 12.30
C LYS B 50 35.71 -8.75 12.50
N VAL B 51 34.94 -9.02 11.44
CA VAL B 51 33.81 -9.95 11.52
C VAL B 51 34.07 -11.28 10.82
N LYS B 52 35.10 -11.28 9.96
CA LYS B 52 35.35 -12.34 8.96
C LYS B 52 34.28 -12.35 7.87
N TYR B 53 33.06 -12.78 8.20
CA TYR B 53 31.89 -12.65 7.34
C TYR B 53 30.65 -12.46 8.19
N VAL B 54 29.67 -11.71 7.70
CA VAL B 54 28.38 -11.62 8.39
C VAL B 54 27.20 -11.36 7.45
N ASP B 55 26.11 -12.10 7.69
CA ASP B 55 24.87 -11.90 6.97
C ASP B 55 24.15 -10.66 7.51
N LEU B 56 24.01 -9.65 6.66
CA LEU B 56 23.29 -8.43 7.01
C LEU B 56 21.83 -8.49 6.56
N GLY B 57 21.52 -9.47 5.71
CA GLY B 57 20.16 -9.73 5.27
C GLY B 57 19.72 -11.14 5.63
N GLY B 58 19.01 -11.80 4.72
CA GLY B 58 18.59 -13.19 4.91
C GLY B 58 19.73 -14.13 5.29
N SER B 59 19.47 -15.01 6.26
CA SER B 59 20.53 -15.80 6.89
C SER B 59 20.15 -17.24 7.27
N TYR B 60 19.01 -17.40 7.91
CA TYR B 60 18.61 -18.67 8.52
C TYR B 60 17.92 -19.61 7.55
N VAL B 61 18.27 -20.90 7.68
CA VAL B 61 17.60 -21.99 6.99
C VAL B 61 17.35 -23.11 8.00
N GLY B 62 16.38 -23.98 7.70
CA GLY B 62 16.05 -25.07 8.59
C GLY B 62 15.31 -26.21 7.92
N PRO B 63 14.94 -27.23 8.69
CA PRO B 63 14.19 -28.37 8.17
C PRO B 63 12.89 -27.97 7.45
N THR B 64 12.51 -28.77 6.45
CA THR B 64 11.46 -28.52 5.45
C THR B 64 11.81 -27.49 4.37
N GLN B 65 12.94 -26.82 4.52
CA GLN B 65 13.39 -25.88 3.47
C GLN B 65 14.35 -26.62 2.52
N ASN B 66 13.83 -27.63 1.84
CA ASN B 66 14.65 -28.56 1.08
C ASN B 66 15.23 -28.04 -0.24
N ARG B 67 14.56 -27.05 -0.84
CA ARG B 67 15.04 -26.49 -2.10
C ARG B 67 16.30 -25.63 -1.93
N ILE B 68 16.31 -24.75 -0.94
CA ILE B 68 17.48 -23.90 -0.68
C ILE B 68 18.68 -24.75 -0.21
N LEU B 69 18.40 -25.78 0.58
CA LEU B 69 19.43 -26.69 1.06
C LEU B 69 20.09 -27.49 -0.06
N ARG B 70 19.30 -27.97 -1.03
CA ARG B 70 19.80 -28.72 -2.17
C ARG B 70 20.60 -27.83 -3.14
N LEU B 71 20.08 -26.64 -3.43
CA LEU B 71 20.78 -25.69 -4.28
C LEU B 71 22.13 -25.28 -3.70
N ALA B 72 22.14 -24.97 -2.40
CA ALA B 72 23.37 -24.60 -1.71
C ALA B 72 24.39 -25.76 -1.69
N LYS B 73 23.91 -26.97 -1.38
CA LYS B 73 24.78 -28.15 -1.39
C LYS B 73 25.44 -28.38 -2.76
N GLU B 74 24.67 -28.26 -3.83
CA GLU B 74 25.18 -28.37 -5.20
C GLU B 74 26.27 -27.32 -5.47
N LEU B 75 26.10 -26.14 -4.90
CA LEU B 75 27.10 -25.07 -5.05
C LEU B 75 28.31 -25.26 -4.13
N GLY B 76 28.29 -26.29 -3.29
CA GLY B 76 29.42 -26.61 -2.44
C GLY B 76 29.41 -25.91 -1.08
N LEU B 77 28.22 -25.56 -0.62
CA LEU B 77 28.06 -24.87 0.66
C LEU B 77 27.66 -25.84 1.80
N GLU B 78 28.02 -25.46 3.02
CA GLU B 78 27.77 -26.23 4.24
C GLU B 78 26.92 -25.39 5.21
N THR B 79 26.14 -26.05 6.05
CA THR B 79 25.46 -25.36 7.14
C THR B 79 26.07 -25.74 8.48
N TYR B 80 25.84 -24.88 9.48
CA TYR B 80 26.11 -25.20 10.87
C TYR B 80 24.90 -24.81 11.72
N LYS B 81 24.83 -25.35 12.93
CA LYS B 81 23.71 -25.13 13.84
C LYS B 81 23.84 -23.85 14.65
N VAL B 82 22.79 -23.02 14.62
CA VAL B 82 22.66 -21.87 15.53
C VAL B 82 22.67 -22.35 16.98
N ASN B 83 23.43 -21.69 17.83
CA ASN B 83 23.55 -22.11 19.22
C ASN B 83 22.25 -22.03 20.02
N GLU B 84 21.75 -23.18 20.44
CA GLU B 84 20.60 -23.27 21.33
C GLU B 84 20.81 -24.36 22.38
N VAL B 85 22.08 -24.55 22.79
CA VAL B 85 22.42 -25.54 23.82
C VAL B 85 21.88 -25.10 25.20
N GLU B 86 22.13 -23.85 25.56
CA GLU B 86 21.79 -23.33 26.88
C GLU B 86 20.38 -22.71 26.91
N ARG B 87 20.04 -21.99 27.97
CA ARG B 87 18.68 -21.50 28.17
C ARG B 87 18.35 -20.26 27.34
N LEU B 88 17.09 -20.20 26.90
CA LEU B 88 16.52 -19.01 26.26
C LEU B 88 16.09 -18.06 27.36
N ILE B 89 15.93 -16.79 27.02
CA ILE B 89 15.46 -15.81 27.99
C ILE B 89 14.19 -15.14 27.47
N HIS B 90 13.17 -15.08 28.33
CA HIS B 90 12.00 -14.24 28.13
C HIS B 90 12.10 -13.06 29.08
N HIS B 91 12.24 -11.87 28.50
CA HIS B 91 12.29 -10.64 29.28
C HIS B 91 10.95 -9.93 29.19
N VAL B 92 10.30 -9.78 30.34
CA VAL B 92 8.97 -9.20 30.40
C VAL B 92 8.83 -8.35 31.66
N LYS B 93 8.32 -7.13 31.48
CA LYS B 93 8.21 -6.12 32.53
C LYS B 93 9.49 -5.96 33.36
N GLY B 94 10.61 -5.77 32.65
CA GLY B 94 11.88 -5.44 33.27
C GLY B 94 12.59 -6.56 34.01
N LYS B 95 12.19 -7.81 33.75
CA LYS B 95 12.78 -8.96 34.43
C LYS B 95 12.97 -10.15 33.48
N SER B 96 14.07 -10.88 33.68
CA SER B 96 14.43 -12.02 32.84
C SER B 96 14.03 -13.37 33.42
N TYR B 97 13.37 -14.20 32.60
CA TYR B 97 12.94 -15.53 32.99
C TYR B 97 13.52 -16.56 32.02
N PRO B 98 14.54 -17.30 32.46
CA PRO B 98 15.17 -18.30 31.59
C PRO B 98 14.25 -19.50 31.39
N PHE B 99 14.29 -20.10 30.20
CA PHE B 99 13.46 -21.25 29.87
C PHE B 99 14.07 -22.14 28.79
N ARG B 100 13.46 -23.32 28.60
CA ARG B 100 13.84 -24.26 27.56
C ARG B 100 12.62 -24.60 26.71
N GLY B 101 12.86 -24.99 25.47
CA GLY B 101 11.78 -25.29 24.54
C GLY B 101 11.43 -24.08 23.70
N PRO B 102 10.63 -24.28 22.66
CA PRO B 102 10.34 -23.22 21.69
C PRO B 102 9.50 -22.07 22.24
N PHE B 103 8.53 -22.39 23.10
CA PHE B 103 7.56 -21.43 23.63
C PHE B 103 7.89 -20.99 25.06
N PRO B 104 7.86 -19.68 25.31
CA PRO B 104 8.04 -19.14 26.67
C PRO B 104 6.90 -19.60 27.60
N PRO B 105 7.24 -20.22 28.73
CA PRO B 105 6.24 -20.83 29.61
C PRO B 105 5.44 -19.81 30.42
N VAL B 106 4.34 -20.28 31.00
CA VAL B 106 3.38 -19.45 31.71
C VAL B 106 2.90 -20.23 32.92
N TRP B 107 2.84 -19.57 34.08
CA TRP B 107 2.50 -20.25 35.32
C TRP B 107 1.06 -20.02 35.80
N ASN B 108 0.56 -18.79 35.64
CA ASN B 108 -0.84 -18.48 35.90
C ASN B 108 -1.77 -19.35 35.05
N PRO B 109 -2.71 -20.05 35.68
CA PRO B 109 -3.57 -21.02 35.00
C PRO B 109 -4.48 -20.41 33.93
N ILE B 110 -5.04 -19.24 34.23
CA ILE B 110 -5.91 -18.54 33.29
C ILE B 110 -5.12 -18.07 32.08
N THR B 111 -3.96 -17.46 32.36
CA THR B 111 -3.01 -17.06 31.34
C THR B 111 -2.52 -18.25 30.52
N TYR B 112 -2.28 -19.39 31.18
CA TYR B 112 -1.86 -20.61 30.49
C TYR B 112 -2.88 -21.02 29.44
N LEU B 113 -4.16 -21.04 29.83
CA LEU B 113 -5.24 -21.40 28.92
C LEU B 113 -5.30 -20.43 27.72
N ASP B 114 -5.13 -19.14 28.00
CA ASP B 114 -5.18 -18.10 26.98
C ASP B 114 -4.03 -18.23 25.98
N HIS B 115 -2.81 -18.45 26.49
CA HIS B 115 -1.63 -18.68 25.66
C HIS B 115 -1.80 -19.93 24.81
N ASN B 116 -2.23 -21.02 25.43
CA ASN B 116 -2.43 -22.28 24.74
C ASN B 116 -3.44 -22.17 23.60
N ASN B 117 -4.52 -21.45 23.85
CA ASN B 117 -5.59 -21.27 22.88
C ASN B 117 -5.17 -20.38 21.72
N PHE B 118 -4.34 -19.37 21.99
CA PHE B 118 -3.89 -18.47 20.93
C PHE B 118 -3.10 -19.23 19.86
N TRP B 119 -2.04 -19.91 20.27
CA TRP B 119 -1.21 -20.68 19.34
C TRP B 119 -2.04 -21.73 18.60
N ARG B 120 -2.86 -22.47 19.34
CA ARG B 120 -3.73 -23.51 18.77
C ARG B 120 -4.69 -22.96 17.72
N THR B 121 -5.32 -21.81 18.02
CA THR B 121 -6.26 -21.16 17.10
C THR B 121 -5.60 -20.70 15.81
N MET B 122 -4.42 -20.10 15.92
CA MET B 122 -3.63 -19.74 14.74
C MET B 122 -3.48 -20.93 13.77
N ASP B 123 -3.13 -22.10 14.29
CA ASP B 123 -2.99 -23.31 13.48
C ASP B 123 -4.34 -23.89 13.02
N ASP B 124 -5.36 -23.82 13.87
CA ASP B 124 -6.73 -24.25 13.53
C ASP B 124 -7.26 -23.45 12.33
N MET B 125 -7.08 -22.13 12.38
CA MET B 125 -7.51 -21.25 11.30
C MET B 125 -6.70 -21.51 10.03
N GLY B 126 -5.40 -21.76 10.20
CA GLY B 126 -4.52 -22.06 9.08
C GLY B 126 -4.92 -23.28 8.25
N ARG B 127 -5.49 -24.28 8.92
CA ARG B 127 -5.91 -25.52 8.26
C ARG B 127 -7.01 -25.33 7.22
N GLU B 128 -7.74 -24.22 7.31
CA GLU B 128 -8.77 -23.90 6.32
C GLU B 128 -8.27 -23.03 5.17
N ILE B 129 -6.97 -22.72 5.18
CA ILE B 129 -6.41 -21.83 4.17
C ILE B 129 -5.51 -22.60 3.21
N PRO B 130 -5.94 -22.73 1.95
CA PRO B 130 -5.12 -23.41 0.93
C PRO B 130 -3.85 -22.61 0.65
N SER B 131 -2.72 -23.32 0.67
CA SER B 131 -1.40 -22.73 0.44
C SER B 131 -1.27 -22.01 -0.89
N ASP B 132 -1.80 -22.63 -1.94
CA ASP B 132 -1.71 -22.08 -3.30
C ASP B 132 -2.82 -21.11 -3.64
N ALA B 133 -3.81 -20.97 -2.75
CA ALA B 133 -4.96 -20.09 -2.98
C ALA B 133 -5.63 -19.65 -1.67
N PRO B 134 -5.00 -18.75 -0.91
CA PRO B 134 -5.57 -18.27 0.36
C PRO B 134 -6.94 -17.59 0.22
N TRP B 135 -7.19 -16.92 -0.90
CA TRP B 135 -8.50 -16.30 -1.18
C TRP B 135 -9.64 -17.33 -1.32
N LYS B 136 -9.31 -18.63 -1.32
CA LYS B 136 -10.33 -19.68 -1.39
C LYS B 136 -10.73 -20.24 -0.03
N ALA B 137 -10.12 -19.72 1.04
CA ALA B 137 -10.54 -20.05 2.42
C ALA B 137 -12.03 -19.79 2.57
N PRO B 138 -12.76 -20.67 3.27
CA PRO B 138 -14.22 -20.52 3.42
C PRO B 138 -14.61 -19.15 3.97
N LEU B 139 -13.84 -18.64 4.94
CA LEU B 139 -14.12 -17.33 5.54
C LEU B 139 -13.11 -16.27 5.07
N ALA B 140 -12.63 -16.42 3.85
CA ALA B 140 -11.59 -15.56 3.29
C ALA B 140 -11.87 -14.06 3.45
N GLU B 141 -13.07 -13.62 3.07
CA GLU B 141 -13.43 -12.20 3.09
C GLU B 141 -13.48 -11.66 4.51
N GLU B 142 -14.17 -12.39 5.40
CA GLU B 142 -14.27 -12.03 6.80
C GLU B 142 -12.89 -11.86 7.47
N TRP B 143 -11.98 -12.79 7.19
CA TRP B 143 -10.64 -12.77 7.79
C TRP B 143 -9.75 -11.71 7.14
N ASP B 144 -9.97 -11.45 5.86
CA ASP B 144 -9.21 -10.46 5.10
C ASP B 144 -9.62 -9.00 5.40
N ASN B 145 -10.85 -8.79 5.86
CA ASN B 145 -11.38 -7.46 6.14
C ASN B 145 -11.14 -7.02 7.58
N MET B 146 -10.19 -7.70 8.19
CA MET B 146 -9.89 -7.61 9.61
C MET B 146 -8.36 -7.54 9.70
N THR B 147 -7.82 -6.65 10.52
CA THR B 147 -6.39 -6.65 10.81
C THR B 147 -6.05 -7.72 11.86
N MET B 148 -4.76 -8.05 11.97
CA MET B 148 -4.31 -8.94 13.03
C MET B 148 -4.54 -8.35 14.42
N LYS B 149 -4.55 -7.01 14.50
CA LYS B 149 -4.86 -6.34 15.76
C LYS B 149 -6.28 -6.62 16.23
N GLU B 150 -7.25 -6.56 15.32
CA GLU B 150 -8.65 -6.93 15.62
C GLU B 150 -8.77 -8.39 16.06
N LEU B 151 -8.12 -9.29 15.33
CA LEU B 151 -8.13 -10.71 15.69
C LEU B 151 -7.57 -10.94 17.10
N LEU B 152 -6.44 -10.31 17.41
CA LEU B 152 -5.80 -10.45 18.73
C LEU B 152 -6.66 -9.88 19.86
N ASP B 153 -7.36 -8.79 19.58
CA ASP B 153 -8.30 -8.18 20.53
C ASP B 153 -9.48 -9.10 20.87
N LYS B 154 -9.93 -9.89 19.90
CA LYS B 154 -11.04 -10.83 20.11
C LYS B 154 -10.58 -12.14 20.77
N LEU B 155 -9.36 -12.57 20.42
CA LEU B 155 -8.89 -13.90 20.79
C LEU B 155 -8.23 -13.95 22.17
N CYS B 156 -7.44 -12.93 22.48
CA CYS B 156 -6.63 -12.93 23.70
C CYS B 156 -7.35 -12.30 24.87
N TRP B 157 -7.68 -13.10 25.87
CA TRP B 157 -8.37 -12.60 27.05
C TRP B 157 -7.42 -12.03 28.11
N THR B 158 -6.11 -12.23 27.93
CA THR B 158 -5.10 -11.67 28.83
C THR B 158 -4.15 -10.74 28.08
N GLU B 159 -3.63 -9.73 28.78
CA GLU B 159 -2.63 -8.82 28.22
C GLU B 159 -1.34 -9.55 27.92
N SER B 160 -1.01 -10.53 28.76
CA SER B 160 0.17 -11.37 28.59
C SER B 160 0.19 -12.10 27.23
N ALA B 161 -0.91 -12.74 26.87
CA ALA B 161 -0.98 -13.43 25.59
C ALA B 161 -0.94 -12.43 24.43
N LYS B 162 -1.63 -11.31 24.59
CA LYS B 162 -1.73 -10.29 23.55
C LYS B 162 -0.38 -9.64 23.25
N GLN B 163 0.38 -9.36 24.31
CA GLN B 163 1.75 -8.84 24.20
C GLN B 163 2.63 -9.80 23.39
N LEU B 164 2.64 -11.07 23.79
CA LEU B 164 3.45 -12.08 23.12
C LEU B 164 3.01 -12.32 21.67
N ALA B 165 1.69 -12.35 21.45
CA ALA B 165 1.14 -12.51 20.10
C ALA B 165 1.55 -11.36 19.18
N THR B 166 1.58 -10.15 19.75
CA THR B 166 1.94 -8.94 19.02
C THR B 166 3.41 -9.00 18.60
N LEU B 167 4.26 -9.39 19.56
CA LEU B 167 5.69 -9.54 19.28
C LEU B 167 5.87 -10.60 18.20
N PHE B 168 5.12 -11.70 18.32
CA PHE B 168 5.11 -12.77 17.33
C PHE B 168 4.83 -12.25 15.93
N VAL B 169 3.77 -11.46 15.78
CA VAL B 169 3.46 -10.82 14.48
C VAL B 169 4.58 -9.87 14.03
N ASN B 170 5.05 -9.01 14.92
CA ASN B 170 6.13 -8.06 14.60
C ASN B 170 7.37 -8.75 14.07
N LEU B 171 7.73 -9.86 14.71
CA LEU B 171 8.95 -10.61 14.36
C LEU B 171 8.83 -11.43 13.08
N CYS B 172 7.69 -12.06 12.87
CA CYS B 172 7.47 -12.86 11.66
C CYS B 172 7.44 -12.02 10.38
N VAL B 173 6.79 -10.85 10.44
CA VAL B 173 6.50 -10.09 9.22
C VAL B 173 6.90 -8.60 9.24
N THR B 174 7.75 -8.22 10.20
CA THR B 174 8.27 -6.85 10.33
C THR B 174 7.23 -5.75 10.08
N ALA B 175 6.05 -5.96 10.64
CA ALA B 175 4.94 -5.02 10.51
C ALA B 175 4.10 -5.06 11.76
N GLU B 176 3.37 -3.98 11.98
CA GLU B 176 2.47 -3.87 13.13
C GLU B 176 1.23 -4.72 12.89
N THR B 177 0.61 -5.19 13.98
CA THR B 177 -0.62 -5.99 13.90
C THR B 177 -1.76 -5.24 13.19
N HIS B 178 -1.83 -3.93 13.38
CA HIS B 178 -2.87 -3.09 12.77
C HIS B 178 -2.63 -2.79 11.27
N GLU B 179 -1.43 -3.11 10.78
CA GLU B 179 -1.06 -2.87 9.39
C GLU B 179 -1.41 -4.03 8.45
N VAL B 180 -1.59 -5.23 9.02
CA VAL B 180 -1.67 -6.45 8.21
C VAL B 180 -3.04 -7.15 8.26
N SER B 181 -3.43 -7.73 7.13
CA SER B 181 -4.62 -8.56 7.03
C SER B 181 -4.48 -9.80 7.90
N ALA B 182 -5.57 -10.15 8.59
CA ALA B 182 -5.63 -11.37 9.38
C ALA B 182 -5.50 -12.62 8.50
N LEU B 183 -6.24 -12.65 7.39
CA LEU B 183 -6.15 -13.76 6.43
C LEU B 183 -4.73 -13.98 5.92
N TRP B 184 -4.08 -12.90 5.47
CA TRP B 184 -2.73 -12.98 4.93
C TRP B 184 -1.72 -13.49 5.96
N PHE B 185 -1.80 -12.99 7.20
CA PHE B 185 -0.85 -13.43 8.23
C PHE B 185 -1.05 -14.90 8.62
N LEU B 186 -2.30 -15.34 8.65
CA LEU B 186 -2.63 -16.74 8.95
C LEU B 186 -2.17 -17.66 7.83
N TRP B 187 -2.29 -17.19 6.58
CA TRP B 187 -1.74 -17.90 5.43
C TRP B 187 -0.22 -18.03 5.56
N TYR B 188 0.43 -16.91 5.90
CA TYR B 188 1.87 -16.82 5.96
C TYR B 188 2.47 -17.83 6.95
N VAL B 189 1.85 -17.94 8.12
CA VAL B 189 2.30 -18.89 9.14
C VAL B 189 2.05 -20.33 8.69
N LYS B 190 0.85 -20.58 8.17
CA LYS B 190 0.46 -21.90 7.66
C LYS B 190 1.41 -22.43 6.58
N GLN B 191 1.78 -21.57 5.63
CA GLN B 191 2.60 -21.96 4.50
C GLN B 191 4.07 -22.15 4.87
N CYS B 192 4.42 -21.83 6.12
CA CYS B 192 5.73 -22.17 6.68
C CYS B 192 5.67 -23.44 7.53
N GLY B 193 4.50 -24.08 7.60
CA GLY B 193 4.31 -25.30 8.36
C GLY B 193 3.75 -25.12 9.78
N GLY B 194 3.27 -23.91 10.09
CA GLY B 194 2.63 -23.66 11.38
C GLY B 194 3.48 -22.89 12.37
N THR B 195 2.91 -22.60 13.54
CA THR B 195 3.54 -21.74 14.53
C THR B 195 4.84 -22.33 15.08
N THR B 196 4.81 -23.60 15.49
CA THR B 196 6.01 -24.26 16.02
C THR B 196 7.17 -24.20 15.04
N ARG B 197 6.92 -24.61 13.80
CA ARG B 197 7.93 -24.61 12.76
C ARG B 197 8.50 -23.22 12.49
N ILE B 198 7.64 -22.20 12.42
CA ILE B 198 8.09 -20.85 12.11
C ILE B 198 8.93 -20.19 13.22
N ILE B 199 8.61 -20.49 14.49
CA ILE B 199 9.25 -19.82 15.64
C ILE B 199 10.48 -20.56 16.18
N SER B 200 10.66 -21.81 15.76
CA SER B 200 11.68 -22.67 16.37
C SER B 200 13.07 -22.46 15.77
N THR B 201 14.07 -22.48 16.64
CA THR B 201 15.45 -22.65 16.22
C THR B 201 15.66 -24.15 15.98
N THR B 202 15.91 -24.92 17.04
CA THR B 202 15.98 -26.37 16.92
C THR B 202 14.70 -26.91 16.27
N ASN B 203 14.86 -27.62 15.15
CA ASN B 203 13.74 -28.19 14.38
C ASN B 203 12.81 -27.18 13.69
N GLY B 204 13.30 -25.97 13.47
CA GLY B 204 12.50 -24.95 12.79
C GLY B 204 13.30 -24.05 11.86
N GLY B 205 12.69 -22.92 11.51
CA GLY B 205 13.24 -21.99 10.53
C GLY B 205 14.60 -21.38 10.85
N GLN B 206 14.94 -21.31 12.14
CA GLN B 206 16.18 -20.65 12.56
C GLN B 206 17.24 -21.64 13.03
N GLU B 207 17.14 -22.91 12.62
CA GLU B 207 18.09 -23.94 13.05
C GLU B 207 19.53 -23.68 12.61
N ARG B 208 19.70 -23.23 11.37
CA ARG B 208 21.00 -23.21 10.74
C ARG B 208 21.32 -21.92 9.98
N LYS B 209 22.61 -21.68 9.77
CA LYS B 209 23.11 -20.73 8.77
C LYS B 209 24.16 -21.38 7.88
N PHE B 210 24.49 -20.71 6.78
CA PHE B 210 25.54 -21.18 5.88
C PHE B 210 26.91 -20.72 6.33
N VAL B 211 27.86 -21.66 6.36
CA VAL B 211 29.28 -21.35 6.61
C VAL B 211 29.77 -20.43 5.51
N GLY B 212 30.24 -19.25 5.89
CA GLY B 212 30.70 -18.25 4.94
C GLY B 212 29.64 -17.24 4.50
N GLY B 213 28.37 -17.48 4.85
CA GLY B 213 27.30 -16.56 4.52
C GLY B 213 26.39 -16.99 3.39
N SER B 214 25.14 -16.55 3.45
CA SER B 214 24.14 -16.89 2.42
C SER B 214 24.37 -16.19 1.06
N GLY B 215 25.10 -15.08 1.08
CA GLY B 215 25.43 -14.37 -0.16
C GLY B 215 26.20 -15.19 -1.18
N GLN B 216 26.86 -16.25 -0.70
CA GLN B 216 27.59 -17.19 -1.56
C GLN B 216 26.69 -17.94 -2.54
N VAL B 217 25.42 -18.12 -2.18
CA VAL B 217 24.46 -18.78 -3.07
C VAL B 217 24.35 -18.01 -4.40
N SER B 218 24.05 -16.72 -4.32
CA SER B 218 23.93 -15.90 -5.51
C SER B 218 25.26 -15.66 -6.22
N GLU B 219 26.32 -15.46 -5.43
CA GLU B 219 27.67 -15.24 -5.97
C GLU B 219 28.17 -16.42 -6.80
N ARG B 220 27.97 -17.64 -6.30
CA ARG B 220 28.42 -18.84 -6.99
C ARG B 220 27.61 -19.17 -8.24
N ILE B 221 26.32 -18.85 -8.22
CA ILE B 221 25.50 -19.00 -9.43
C ILE B 221 25.96 -18.00 -10.50
N MET B 222 26.32 -16.79 -10.08
CA MET B 222 26.91 -15.81 -10.99
C MET B 222 28.22 -16.31 -11.61
N ASP B 223 29.06 -16.95 -10.80
CA ASP B 223 30.28 -17.59 -11.29
C ASP B 223 29.97 -18.62 -12.38
N LEU B 224 28.95 -19.45 -12.14
CA LEU B 224 28.51 -20.46 -13.11
C LEU B 224 27.99 -19.84 -14.41
N LEU B 225 27.38 -18.66 -14.32
CA LEU B 225 26.75 -18.05 -15.49
C LEU B 225 27.71 -17.16 -16.27
N GLY B 226 28.85 -16.84 -15.67
CA GLY B 226 29.86 -16.00 -16.29
C GLY B 226 29.34 -14.62 -16.71
N ASP B 227 29.54 -14.31 -17.98
CA ASP B 227 29.23 -12.97 -18.51
C ASP B 227 27.73 -12.71 -18.67
N ARG B 228 26.91 -13.72 -18.41
CA ARG B 228 25.46 -13.63 -18.59
C ARG B 228 24.74 -12.76 -17.56
N VAL B 229 25.42 -12.47 -16.45
CA VAL B 229 24.89 -11.58 -15.42
C VAL B 229 25.38 -10.14 -15.66
N LYS B 230 24.44 -9.21 -15.79
CA LYS B 230 24.77 -7.82 -16.04
C LYS B 230 24.45 -6.96 -14.82
N LEU B 231 25.50 -6.47 -14.17
CA LEU B 231 25.38 -5.67 -12.95
C LEU B 231 25.19 -4.20 -13.29
N GLU B 232 24.55 -3.47 -12.39
CA GLU B 232 24.18 -2.06 -12.60
C GLU B 232 23.35 -1.85 -13.88
N ARG B 233 22.41 -2.77 -14.09
CA ARG B 233 21.46 -2.69 -15.19
C ARG B 233 20.02 -2.70 -14.65
N PRO B 234 19.56 -1.58 -14.07
CA PRO B 234 18.17 -1.48 -13.63
C PRO B 234 17.27 -1.45 -14.86
N VAL B 235 16.24 -2.30 -14.86
CA VAL B 235 15.27 -2.33 -15.94
C VAL B 235 14.28 -1.19 -15.76
N ILE B 236 14.04 -0.44 -16.84
CA ILE B 236 13.15 0.73 -16.84
C ILE B 236 11.92 0.56 -17.75
N TYR B 237 11.99 -0.38 -18.68
CA TYR B 237 11.02 -0.44 -19.77
C TYR B 237 10.91 -1.84 -20.36
N ILE B 238 9.69 -2.37 -20.39
CA ILE B 238 9.41 -3.64 -21.05
C ILE B 238 8.36 -3.45 -22.15
N ASP B 239 8.73 -3.81 -23.37
CA ASP B 239 7.87 -3.65 -24.55
C ASP B 239 7.48 -5.02 -25.10
N GLN B 240 6.17 -5.26 -25.15
CA GLN B 240 5.63 -6.54 -25.61
C GLN B 240 4.77 -6.42 -26.88
N THR B 241 4.83 -5.28 -27.56
CA THR B 241 4.00 -5.03 -28.75
C THR B 241 4.46 -5.83 -29.97
N ARG B 242 5.77 -6.04 -30.08
CA ARG B 242 6.36 -6.73 -31.24
C ARG B 242 6.50 -8.24 -31.01
N GLU B 243 7.03 -8.93 -32.03
CA GLU B 243 7.24 -10.38 -32.02
C GLU B 243 8.09 -10.86 -30.85
N ASN B 244 9.21 -10.17 -30.63
CA ASN B 244 10.10 -10.45 -29.50
C ASN B 244 9.97 -9.37 -28.44
N VAL B 245 10.11 -9.77 -27.17
CA VAL B 245 10.01 -8.85 -26.04
C VAL B 245 11.26 -7.98 -25.97
N LEU B 246 11.07 -6.66 -25.88
CA LEU B 246 12.17 -5.72 -25.74
C LEU B 246 12.27 -5.22 -24.30
N VAL B 247 13.47 -5.34 -23.73
CA VAL B 247 13.72 -4.93 -22.35
C VAL B 247 14.83 -3.88 -22.34
N GLU B 248 14.52 -2.69 -21.84
CA GLU B 248 15.49 -1.61 -21.78
C GLU B 248 15.96 -1.35 -20.34
N THR B 249 17.26 -1.09 -20.22
CA THR B 249 17.87 -0.73 -18.94
C THR B 249 18.20 0.77 -18.86
N LEU B 250 18.47 1.25 -17.64
CA LEU B 250 18.71 2.67 -17.38
C LEU B 250 19.85 3.29 -18.19
N ASN B 251 20.91 2.52 -18.42
CA ASN B 251 22.04 2.99 -19.23
C ASN B 251 21.81 2.85 -20.74
N HIS B 252 20.55 2.62 -21.14
CA HIS B 252 20.11 2.60 -22.56
C HIS B 252 20.33 1.30 -23.36
N GLU B 253 20.88 0.28 -22.71
CA GLU B 253 21.09 -1.02 -23.36
C GLU B 253 19.75 -1.68 -23.65
N MET B 254 19.69 -2.40 -24.78
CA MET B 254 18.48 -3.08 -25.20
C MET B 254 18.68 -4.59 -25.18
N TYR B 255 17.68 -5.31 -24.69
CA TYR B 255 17.73 -6.76 -24.66
C TYR B 255 16.46 -7.31 -25.28
N GLU B 256 16.63 -8.30 -26.14
CA GLU B 256 15.53 -8.91 -26.88
C GLU B 256 15.43 -10.38 -26.50
N ALA B 257 14.22 -10.81 -26.16
CA ALA B 257 14.00 -12.19 -25.72
C ALA B 257 12.61 -12.71 -26.11
N LYS B 258 12.45 -14.03 -26.01
CA LYS B 258 11.17 -14.66 -26.23
C LYS B 258 10.31 -14.54 -24.98
N TYR B 259 10.95 -14.63 -23.81
CA TYR B 259 10.24 -14.58 -22.52
C TYR B 259 11.01 -13.79 -21.47
N VAL B 260 10.27 -13.22 -20.52
CA VAL B 260 10.86 -12.52 -19.40
C VAL B 260 10.43 -13.16 -18.08
N ILE B 261 11.37 -13.28 -17.15
CA ILE B 261 11.02 -13.59 -15.76
C ILE B 261 11.26 -12.33 -14.93
N SER B 262 10.19 -11.88 -14.26
CA SER B 262 10.28 -10.79 -13.30
C SER B 262 10.51 -11.39 -11.91
N ALA B 263 11.73 -11.23 -11.41
CA ALA B 263 12.13 -11.81 -10.13
C ALA B 263 12.45 -10.73 -9.08
N ILE B 264 11.62 -9.70 -9.05
CA ILE B 264 11.74 -8.61 -8.10
C ILE B 264 10.50 -8.61 -7.19
N PRO B 265 10.58 -7.96 -6.01
CA PRO B 265 9.38 -7.78 -5.17
C PRO B 265 8.25 -7.13 -5.97
N PRO B 266 7.02 -7.62 -5.82
CA PRO B 266 5.87 -7.15 -6.61
C PRO B 266 5.78 -5.63 -6.74
N THR B 267 5.93 -4.90 -5.65
CA THR B 267 5.78 -3.45 -5.73
C THR B 267 6.87 -2.77 -6.57
N LEU B 268 8.04 -3.40 -6.65
CA LEU B 268 9.15 -2.86 -7.44
C LEU B 268 8.91 -2.95 -8.96
N GLY B 269 7.90 -3.71 -9.35
CA GLY B 269 7.39 -3.67 -10.72
C GLY B 269 6.98 -2.26 -11.15
N MET B 270 6.64 -1.41 -10.17
CA MET B 270 6.29 -0.02 -10.43
C MET B 270 7.43 0.77 -11.09
N LYS B 271 8.67 0.34 -10.86
CA LYS B 271 9.86 1.01 -11.43
C LYS B 271 10.00 0.78 -12.93
N ILE B 272 9.19 -0.11 -13.48
CA ILE B 272 9.22 -0.44 -14.90
C ILE B 272 8.02 0.17 -15.63
N HIS B 273 8.29 0.78 -16.79
CA HIS B 273 7.22 1.30 -17.65
C HIS B 273 6.87 0.23 -18.67
N PHE B 274 5.57 -0.06 -18.77
CA PHE B 274 5.12 -1.16 -19.60
C PHE B 274 4.39 -0.68 -20.85
N ASN B 275 4.63 -1.40 -21.94
CA ASN B 275 3.97 -1.19 -23.22
C ASN B 275 3.71 -2.57 -23.82
N PRO B 276 2.44 -2.97 -23.96
CA PRO B 276 1.28 -2.14 -23.60
C PRO B 276 1.11 -2.02 -22.08
N PRO B 277 0.22 -1.15 -21.59
CA PRO B 277 -0.01 -1.04 -20.15
C PRO B 277 -0.35 -2.40 -19.53
N LEU B 278 -0.01 -2.59 -18.26
CA LEU B 278 -0.36 -3.81 -17.54
C LEU B 278 -1.88 -3.97 -17.48
N PRO B 279 -2.36 -5.21 -17.40
CA PRO B 279 -3.80 -5.44 -17.12
C PRO B 279 -4.18 -4.69 -15.86
N MET B 280 -5.44 -4.26 -15.76
CA MET B 280 -5.89 -3.38 -14.69
C MET B 280 -5.61 -3.90 -13.26
N MET B 281 -5.85 -5.18 -13.02
CA MET B 281 -5.67 -5.76 -11.68
C MET B 281 -4.22 -5.74 -11.20
N ARG B 282 -3.28 -6.10 -12.07
CA ARG B 282 -1.86 -6.01 -11.74
C ARG B 282 -1.40 -4.55 -11.56
N ASN B 283 -1.89 -3.66 -12.43
CA ASN B 283 -1.57 -2.23 -12.34
C ASN B 283 -1.86 -1.65 -10.97
N GLN B 284 -2.99 -2.05 -10.38
CA GLN B 284 -3.32 -1.58 -9.03
C GLN B 284 -2.67 -2.41 -7.93
N MET B 285 -2.56 -3.72 -8.12
CA MET B 285 -1.95 -4.61 -7.13
C MET B 285 -0.57 -4.14 -6.67
N ILE B 286 0.28 -3.78 -7.63
CA ILE B 286 1.66 -3.37 -7.34
C ILE B 286 1.82 -2.04 -6.59
N THR B 287 0.70 -1.34 -6.34
CA THR B 287 0.70 -0.16 -5.48
C THR B 287 0.18 -0.49 -4.08
N ARG B 288 -0.26 -1.73 -3.90
CA ARG B 288 -1.00 -2.11 -2.70
C ARG B 288 -0.20 -3.04 -1.78
N VAL B 289 1.06 -3.27 -2.11
CA VAL B 289 1.82 -4.35 -1.46
C VAL B 289 3.21 -3.91 -0.97
N PRO B 290 3.26 -3.26 0.18
CA PRO B 290 4.53 -2.79 0.75
C PRO B 290 5.35 -3.93 1.37
N LEU B 291 6.63 -3.64 1.65
CA LEU B 291 7.47 -4.56 2.41
C LEU B 291 7.67 -3.98 3.82
N GLY B 292 7.98 -4.88 4.77
CA GLY B 292 8.13 -4.52 6.17
C GLY B 292 9.36 -3.67 6.47
N SER B 293 9.51 -3.30 7.73
CA SER B 293 10.60 -2.43 8.16
C SER B 293 11.44 -3.09 9.23
N VAL B 294 12.76 -3.14 9.00
CA VAL B 294 13.66 -3.80 9.93
C VAL B 294 15.10 -3.28 9.83
N ILE B 295 15.77 -3.17 10.97
CA ILE B 295 17.21 -3.00 11.01
C ILE B 295 17.81 -4.25 11.64
N LYS B 296 18.75 -4.88 10.94
CA LYS B 296 19.49 -6.01 11.49
C LYS B 296 20.80 -5.51 12.10
N CYS B 297 21.01 -5.83 13.37
CA CYS B 297 22.15 -5.32 14.11
C CYS B 297 22.94 -6.46 14.75
N ILE B 298 24.26 -6.41 14.60
CA ILE B 298 25.14 -7.40 15.20
C ILE B 298 26.20 -6.73 16.04
N VAL B 299 26.19 -7.04 17.34
CA VAL B 299 27.18 -6.55 18.30
C VAL B 299 28.19 -7.65 18.61
N TYR B 300 29.47 -7.34 18.46
CA TYR B 300 30.57 -8.30 18.68
C TYR B 300 31.20 -8.17 20.06
N TYR B 301 31.64 -9.30 20.60
CA TYR B 301 32.27 -9.34 21.92
C TYR B 301 33.52 -10.19 21.90
N LYS B 302 34.38 -9.99 22.89
CA LYS B 302 35.61 -10.78 23.08
C LYS B 302 35.29 -12.28 23.16
N GLU B 303 34.23 -12.61 23.90
CA GLU B 303 33.85 -13.99 24.19
C GLU B 303 32.32 -14.11 24.18
N PRO B 304 31.80 -15.31 23.95
CA PRO B 304 30.36 -15.56 24.11
C PRO B 304 30.01 -15.78 25.59
N PHE B 305 30.11 -14.69 26.35
CA PHE B 305 30.06 -14.72 27.81
C PHE B 305 28.73 -15.21 28.38
N TRP B 306 27.66 -15.03 27.60
CA TRP B 306 26.32 -15.47 28.02
C TRP B 306 26.27 -16.98 28.28
N ARG B 307 27.08 -17.74 27.55
CA ARG B 307 27.16 -19.19 27.70
C ARG B 307 27.63 -19.64 29.09
N LYS B 308 28.52 -18.86 29.69
CA LYS B 308 29.02 -19.16 31.04
C LYS B 308 27.92 -19.08 32.09
N LYS B 309 26.91 -18.24 31.83
CA LYS B 309 25.76 -18.06 32.71
C LYS B 309 24.63 -19.02 32.33
N ASP B 310 24.94 -19.98 31.46
CA ASP B 310 23.96 -20.94 30.94
C ASP B 310 22.82 -20.26 30.15
N TYR B 311 23.19 -19.26 29.34
CA TYR B 311 22.28 -18.63 28.37
C TYR B 311 22.78 -18.92 26.95
N CYS B 312 21.89 -19.30 26.05
CA CYS B 312 22.28 -19.58 24.67
C CYS B 312 22.52 -18.32 23.83
N GLY B 313 21.90 -17.21 24.21
CA GLY B 313 22.00 -15.98 23.45
C GLY B 313 20.67 -15.53 22.86
N THR B 314 19.67 -16.41 22.90
CA THR B 314 18.31 -16.08 22.49
C THR B 314 17.63 -15.25 23.56
N MET B 315 17.11 -14.10 23.17
CA MET B 315 16.32 -13.26 24.07
C MET B 315 15.02 -12.87 23.37
N ILE B 316 13.90 -13.09 24.05
CA ILE B 316 12.60 -12.60 23.58
C ILE B 316 12.22 -11.46 24.51
N ILE B 317 12.20 -10.25 23.96
CA ILE B 317 12.14 -9.05 24.79
C ILE B 317 10.87 -8.24 24.57
N ASP B 318 10.04 -8.21 25.60
CA ASP B 318 8.78 -7.49 25.56
C ASP B 318 8.92 -6.03 25.95
N GLY B 319 8.11 -5.18 25.32
CA GLY B 319 7.94 -3.81 25.78
C GLY B 319 8.32 -2.75 24.77
N GLU B 320 7.66 -1.60 24.87
CA GLU B 320 7.88 -0.46 23.98
C GLU B 320 9.30 0.09 24.10
N GLU B 321 9.85 0.06 25.31
CA GLU B 321 11.14 0.69 25.60
C GLU B 321 12.31 -0.05 24.95
N ALA B 322 12.19 -1.36 24.79
CA ALA B 322 13.24 -2.18 24.20
C ALA B 322 13.36 -1.93 22.69
N PRO B 323 14.52 -1.47 22.24
CA PRO B 323 14.75 -1.27 20.79
C PRO B 323 14.71 -2.58 20.01
N VAL B 324 15.23 -3.65 20.61
CA VAL B 324 15.33 -4.97 20.00
C VAL B 324 14.39 -5.91 20.73
N ALA B 325 13.56 -6.64 19.98
CA ALA B 325 12.61 -7.56 20.56
C ALA B 325 13.06 -9.01 20.53
N TYR B 326 14.09 -9.31 19.73
CA TYR B 326 14.54 -10.68 19.51
C TYR B 326 16.01 -10.76 19.13
N THR B 327 16.73 -11.67 19.75
CA THR B 327 18.13 -11.91 19.47
C THR B 327 18.45 -13.37 19.30
N LEU B 328 19.53 -13.64 18.58
CA LEU B 328 20.13 -14.97 18.50
C LEU B 328 21.65 -14.85 18.62
N ASP B 329 22.26 -15.90 19.13
CA ASP B 329 23.72 -16.05 19.13
C ASP B 329 24.20 -16.08 17.69
N ASP B 330 25.13 -15.17 17.36
CA ASP B 330 25.70 -15.11 16.00
C ASP B 330 27.19 -15.46 15.95
N THR B 331 27.69 -16.12 16.99
CA THR B 331 29.06 -16.62 17.05
C THR B 331 29.31 -17.66 15.96
N LYS B 332 30.49 -17.62 15.35
CA LYS B 332 30.91 -18.60 14.36
C LYS B 332 30.96 -20.00 15.00
N PRO B 333 30.78 -21.05 14.19
CA PRO B 333 30.74 -22.43 14.71
C PRO B 333 32.02 -22.82 15.45
N GLU B 334 33.12 -22.13 15.13
CA GLU B 334 34.41 -22.36 15.78
C GLU B 334 34.45 -21.81 17.21
N GLY B 335 33.50 -20.94 17.55
CA GLY B 335 33.43 -20.35 18.88
C GLY B 335 34.08 -18.99 19.00
N ASN B 336 34.55 -18.47 17.87
CA ASN B 336 35.18 -17.16 17.83
C ASN B 336 34.28 -16.13 17.13
N TYR B 337 34.73 -14.88 17.09
CA TYR B 337 33.92 -13.75 16.64
C TYR B 337 32.56 -13.73 17.36
N ALA B 338 32.60 -13.91 18.68
CA ALA B 338 31.40 -13.88 19.51
C ALA B 338 30.52 -12.68 19.16
N ALA B 339 29.22 -12.93 19.00
CA ALA B 339 28.28 -11.89 18.59
C ALA B 339 26.83 -12.18 18.97
N ILE B 340 26.07 -11.10 19.14
CA ILE B 340 24.63 -11.15 19.32
C ILE B 340 23.95 -10.46 18.12
N MET B 341 23.08 -11.21 17.45
CA MET B 341 22.26 -10.65 16.38
C MET B 341 20.92 -10.22 16.98
N GLY B 342 20.49 -8.99 16.68
CA GLY B 342 19.17 -8.53 17.08
C GLY B 342 18.43 -7.79 15.97
N PHE B 343 17.09 -7.86 16.03
CA PHE B 343 16.24 -7.16 15.05
C PHE B 343 15.56 -5.95 15.68
N ILE B 344 15.61 -4.81 14.99
CA ILE B 344 14.79 -3.66 15.37
C ILE B 344 13.61 -3.61 14.42
N LEU B 345 12.41 -3.81 14.96
CA LEU B 345 11.25 -4.17 14.15
C LEU B 345 10.21 -3.08 13.95
N ALA B 346 9.69 -3.02 12.73
CA ALA B 346 8.47 -2.28 12.41
C ALA B 346 8.57 -0.78 12.76
N HIS B 347 7.69 -0.29 13.64
CA HIS B 347 7.71 1.14 14.00
C HIS B 347 9.00 1.57 14.71
N LYS B 348 9.64 0.64 15.40
CA LYS B 348 10.91 0.94 16.06
C LYS B 348 12.05 1.17 15.05
N ALA B 349 11.97 0.49 13.92
CA ALA B 349 12.95 0.70 12.85
C ALA B 349 12.86 2.13 12.30
N ARG B 350 11.64 2.64 12.14
CA ARG B 350 11.39 4.02 11.69
C ARG B 350 11.82 5.03 12.75
N LYS B 351 11.48 4.75 14.00
CA LYS B 351 11.77 5.64 15.12
C LYS B 351 13.27 5.78 15.42
N LEU B 352 13.98 4.65 15.48
CA LEU B 352 15.39 4.65 15.89
C LEU B 352 16.37 4.89 14.75
N ALA B 353 15.85 5.00 13.53
CA ALA B 353 16.66 5.30 12.35
C ALA B 353 17.27 6.70 12.38
N ARG B 354 16.60 7.60 13.12
CA ARG B 354 17.04 9.00 13.27
C ARG B 354 18.35 9.12 14.06
N LEU B 355 18.60 8.15 14.94
CA LEU B 355 19.83 8.13 15.74
C LEU B 355 21.05 7.81 14.89
N THR B 356 22.24 8.08 15.43
CA THR B 356 23.50 7.66 14.79
C THR B 356 23.76 6.18 15.07
N LYS B 357 24.67 5.61 14.29
CA LYS B 357 25.14 4.24 14.47
C LYS B 357 25.61 3.99 15.92
N GLU B 358 26.37 4.95 16.46
CA GLU B 358 26.90 4.89 17.82
C GLU B 358 25.79 4.91 18.87
N GLU B 359 24.77 5.74 18.64
CA GLU B 359 23.64 5.83 19.57
C GLU B 359 22.85 4.51 19.63
N ARG B 360 22.67 3.87 18.47
CA ARG B 360 22.00 2.58 18.41
C ARG B 360 22.80 1.50 19.16
N LEU B 361 24.12 1.49 18.94
CA LEU B 361 25.01 0.55 19.63
C LEU B 361 24.89 0.65 21.17
N LYS B 362 24.93 1.89 21.67
CA LYS B 362 24.81 2.14 23.10
C LYS B 362 23.51 1.56 23.70
N LYS B 363 22.38 1.87 23.06
CA LYS B 363 21.07 1.37 23.50
C LYS B 363 20.98 -0.15 23.52
N LEU B 364 21.56 -0.79 22.50
CA LEU B 364 21.57 -2.25 22.41
C LEU B 364 22.39 -2.90 23.53
N CYS B 365 23.58 -2.37 23.78
CA CYS B 365 24.47 -2.87 24.81
C CYS B 365 23.86 -2.73 26.20
N GLU B 366 23.27 -1.56 26.47
CA GLU B 366 22.57 -1.33 27.74
C GLU B 366 21.38 -2.28 27.93
N LEU B 367 20.63 -2.53 26.86
CA LEU B 367 19.53 -3.49 26.91
C LEU B 367 20.04 -4.92 27.20
N TYR B 368 21.04 -5.34 26.43
CA TYR B 368 21.59 -6.68 26.57
C TYR B 368 22.19 -6.91 27.98
N ALA B 369 22.82 -5.87 28.53
CA ALA B 369 23.33 -5.93 29.90
C ALA B 369 22.22 -6.20 30.91
N LYS B 370 21.07 -5.56 30.71
CA LYS B 370 19.88 -5.73 31.54
C LYS B 370 19.34 -7.15 31.41
N VAL B 371 19.15 -7.59 30.17
CA VAL B 371 18.48 -8.86 29.89
C VAL B 371 19.36 -10.05 30.29
N LEU B 372 20.66 -9.97 30.00
CA LEU B 372 21.59 -11.02 30.34
C LEU B 372 22.16 -10.93 31.76
N GLY B 373 21.92 -9.79 32.42
CA GLY B 373 22.42 -9.56 33.77
C GLY B 373 23.95 -9.56 33.79
N SER B 374 24.56 -8.95 32.78
CA SER B 374 26.01 -8.95 32.62
C SER B 374 26.57 -7.60 32.18
N LEU B 375 27.54 -7.10 32.96
CA LEU B 375 28.28 -5.89 32.64
C LEU B 375 29.15 -6.09 31.39
N GLU B 376 29.48 -7.34 31.11
CA GLU B 376 30.29 -7.65 29.93
C GLU B 376 29.64 -7.20 28.62
N ALA B 377 28.31 -7.10 28.61
CA ALA B 377 27.55 -6.62 27.45
C ALA B 377 27.81 -5.15 27.13
N LEU B 378 28.42 -4.43 28.08
CA LEU B 378 28.73 -3.01 27.92
C LEU B 378 30.07 -2.77 27.25
N GLU B 379 30.75 -3.86 26.87
CA GLU B 379 32.07 -3.78 26.26
C GLU B 379 32.17 -4.38 24.85
N PRO B 380 31.44 -3.83 23.88
CA PRO B 380 31.48 -4.36 22.52
C PRO B 380 32.85 -4.11 21.88
N VAL B 381 33.31 -5.01 21.01
CA VAL B 381 34.59 -4.84 20.32
C VAL B 381 34.39 -4.37 18.87
N HIS B 382 33.17 -4.54 18.37
CA HIS B 382 32.79 -4.18 17.01
C HIS B 382 31.26 -4.19 16.87
N TYR B 383 30.76 -3.50 15.84
CA TYR B 383 29.34 -3.37 15.57
C TYR B 383 29.08 -3.27 14.06
N GLU B 384 28.12 -4.07 13.56
CA GLU B 384 27.62 -3.93 12.19
C GLU B 384 26.07 -3.90 12.18
N GLU B 385 25.51 -3.21 11.20
CA GLU B 385 24.07 -3.00 11.13
C GLU B 385 23.63 -2.66 9.70
N LYS B 386 22.37 -2.95 9.38
CA LYS B 386 21.80 -2.59 8.09
C LYS B 386 20.31 -2.25 8.21
N ASN B 387 19.98 -1.02 7.83
CA ASN B 387 18.59 -0.60 7.75
C ASN B 387 18.06 -0.88 6.35
N TRP B 388 17.22 -1.90 6.23
CA TRP B 388 16.72 -2.31 4.91
C TRP B 388 15.64 -1.39 4.33
N CYS B 389 15.09 -0.50 5.17
CA CYS B 389 14.07 0.46 4.73
C CYS B 389 14.62 1.45 3.70
N GLU B 390 15.93 1.65 3.71
CA GLU B 390 16.56 2.67 2.89
C GLU B 390 16.94 2.20 1.47
N GLU B 391 16.67 0.93 1.19
CA GLU B 391 17.05 0.29 -0.07
C GLU B 391 16.04 0.52 -1.21
N GLN B 392 16.44 1.30 -2.20
CA GLN B 392 15.62 1.54 -3.39
C GLN B 392 15.22 0.25 -4.14
N TYR B 393 16.12 -0.72 -4.20
CA TYR B 393 15.87 -1.93 -4.98
C TYR B 393 15.47 -3.15 -4.14
N SER B 394 15.09 -2.90 -2.89
CA SER B 394 14.42 -3.89 -2.04
C SER B 394 13.06 -3.38 -1.57
N GLY B 395 13.05 -2.18 -0.97
CA GLY B 395 11.83 -1.57 -0.48
C GLY B 395 11.55 -1.87 0.99
N GLY B 396 12.34 -2.79 1.55
CA GLY B 396 12.18 -3.21 2.93
C GLY B 396 12.60 -4.65 3.12
N CYS B 397 12.29 -5.22 4.28
CA CYS B 397 12.59 -6.61 4.59
C CYS B 397 11.68 -7.06 5.73
N TYR B 398 11.45 -8.37 5.89
CA TYR B 398 12.02 -9.42 5.05
C TYR B 398 11.29 -9.51 3.72
N THR B 399 9.99 -9.21 3.76
CA THR B 399 9.14 -9.51 2.63
C THR B 399 7.90 -8.60 2.55
N THR B 400 7.07 -8.88 1.57
CA THR B 400 5.85 -8.15 1.29
C THR B 400 4.73 -8.57 2.23
N TYR B 401 4.11 -7.59 2.89
CA TYR B 401 2.89 -7.87 3.64
C TYR B 401 1.65 -7.35 2.89
N PHE B 402 0.49 -7.93 3.20
CA PHE B 402 -0.77 -7.53 2.60
C PHE B 402 -1.67 -6.82 3.64
N PRO B 403 -1.98 -5.54 3.40
CA PRO B 403 -2.95 -4.81 4.24
C PRO B 403 -4.37 -5.38 4.10
N PRO B 404 -5.26 -5.08 5.06
CA PRO B 404 -6.63 -5.60 5.00
C PRO B 404 -7.31 -5.29 3.66
N GLY B 405 -7.93 -6.31 3.09
CA GLY B 405 -8.68 -6.19 1.86
C GLY B 405 -7.99 -6.58 0.56
N ILE B 406 -6.66 -6.69 0.60
CA ILE B 406 -5.89 -6.82 -0.65
C ILE B 406 -5.75 -8.24 -1.19
N LEU B 407 -5.44 -9.20 -0.31
CA LEU B 407 -5.22 -10.58 -0.72
C LEU B 407 -6.42 -11.22 -1.44
N THR B 408 -7.65 -10.96 -0.95
CA THR B 408 -8.85 -11.48 -1.63
C THR B 408 -9.14 -10.78 -2.95
N GLN B 409 -8.84 -9.48 -3.02
CA GLN B 409 -9.18 -8.69 -4.21
C GLN B 409 -8.15 -8.82 -5.33
N TYR B 410 -6.89 -8.97 -4.98
CA TYR B 410 -5.79 -8.92 -5.95
C TYR B 410 -4.87 -10.12 -5.89
N GLY B 411 -5.04 -10.97 -4.87
CA GLY B 411 -4.14 -12.09 -4.64
C GLY B 411 -3.89 -13.03 -5.80
N ARG B 412 -4.94 -13.38 -6.55
CA ARG B 412 -4.80 -14.35 -7.65
C ARG B 412 -3.96 -13.83 -8.83
N VAL B 413 -3.66 -12.54 -8.80
CA VAL B 413 -2.91 -11.85 -9.85
C VAL B 413 -1.40 -12.00 -9.68
N LEU B 414 -0.95 -12.30 -8.46
CA LEU B 414 0.47 -12.33 -8.10
C LEU B 414 1.39 -13.06 -9.09
N ARG B 415 1.07 -14.31 -9.39
CA ARG B 415 1.91 -15.06 -10.32
C ARG B 415 1.26 -15.37 -11.67
N GLN B 416 0.16 -14.68 -11.97
CA GLN B 416 -0.50 -14.77 -13.27
C GLN B 416 0.36 -14.11 -14.36
N PRO B 417 0.74 -14.88 -15.38
CA PRO B 417 1.61 -14.37 -16.45
C PRO B 417 0.95 -13.21 -17.19
N VAL B 418 1.75 -12.22 -17.56
CA VAL B 418 1.27 -11.12 -18.39
C VAL B 418 1.90 -11.31 -19.75
N ASP B 419 1.18 -11.98 -20.64
CA ASP B 419 1.64 -12.26 -22.00
C ASP B 419 2.89 -13.18 -21.95
N ARG B 420 4.08 -12.59 -22.15
CA ARG B 420 5.31 -13.37 -22.10
C ARG B 420 6.17 -13.05 -20.87
N ILE B 421 5.61 -12.31 -19.92
CA ILE B 421 6.24 -12.09 -18.62
C ILE B 421 5.71 -13.08 -17.60
N TYR B 422 6.61 -13.84 -16.97
CA TYR B 422 6.26 -14.78 -15.92
C TYR B 422 6.84 -14.26 -14.60
N PHE B 423 6.29 -14.68 -13.46
CA PHE B 423 6.64 -14.04 -12.19
C PHE B 423 7.26 -14.96 -11.16
N ALA B 424 8.51 -14.66 -10.81
CA ALA B 424 9.19 -15.37 -9.74
C ALA B 424 9.26 -14.45 -8.52
N GLY B 425 10.28 -14.63 -7.68
CA GLY B 425 10.39 -13.86 -6.45
C GLY B 425 9.71 -14.58 -5.30
N THR B 426 10.34 -14.57 -4.13
CA THR B 426 9.81 -15.30 -2.96
C THR B 426 8.32 -15.05 -2.66
N GLU B 427 7.83 -13.85 -2.98
CA GLU B 427 6.43 -13.50 -2.74
C GLU B 427 5.40 -14.38 -3.47
N THR B 428 5.81 -15.02 -4.57
CA THR B 428 4.93 -15.87 -5.39
C THR B 428 5.00 -17.36 -5.05
N ALA B 429 5.81 -17.72 -4.05
CA ALA B 429 5.94 -19.12 -3.63
C ALA B 429 4.76 -19.58 -2.80
N THR B 430 4.60 -20.90 -2.69
CA THR B 430 3.52 -21.50 -1.90
C THR B 430 4.00 -22.17 -0.60
N HIS B 431 5.31 -22.26 -0.42
CA HIS B 431 5.88 -22.90 0.78
C HIS B 431 7.11 -22.10 1.18
N TRP B 432 7.08 -21.55 2.39
CA TRP B 432 8.11 -20.61 2.87
C TRP B 432 8.26 -19.39 1.97
N SER B 433 7.15 -18.89 1.43
CA SER B 433 7.14 -17.56 0.81
C SER B 433 7.64 -16.56 1.85
N GLY B 434 8.49 -15.64 1.41
CA GLY B 434 9.13 -14.69 2.30
C GLY B 434 10.56 -15.08 2.65
N TYR B 435 10.93 -16.33 2.38
CA TYR B 435 12.24 -16.87 2.75
C TYR B 435 13.09 -17.17 1.52
N MET B 436 14.36 -17.48 1.74
CA MET B 436 15.26 -17.93 0.68
C MET B 436 14.72 -19.19 0.00
N GLU B 437 14.14 -20.09 0.79
CA GLU B 437 13.48 -21.29 0.28
C GLU B 437 12.39 -20.94 -0.75
N GLY B 438 11.53 -19.98 -0.41
CA GLY B 438 10.50 -19.52 -1.32
C GLY B 438 11.04 -18.89 -2.60
N ALA B 439 12.17 -18.21 -2.50
CA ALA B 439 12.83 -17.64 -3.66
C ALA B 439 13.24 -18.72 -4.67
N VAL B 440 13.80 -19.82 -4.15
CA VAL B 440 14.17 -20.97 -4.97
C VAL B 440 12.95 -21.63 -5.61
N GLU B 441 11.91 -21.87 -4.81
CA GLU B 441 10.67 -22.48 -5.32
C GLU B 441 10.08 -21.66 -6.47
N ALA B 442 9.95 -20.35 -6.27
CA ALA B 442 9.33 -19.46 -7.25
C ALA B 442 10.15 -19.30 -8.53
N GLY B 443 11.47 -19.22 -8.39
CA GLY B 443 12.37 -19.04 -9.53
C GLY B 443 12.40 -20.25 -10.44
N GLU B 444 12.50 -21.43 -9.84
CA GLU B 444 12.52 -22.69 -10.57
C GLU B 444 11.15 -23.02 -11.21
N ARG B 445 10.08 -22.67 -10.51
CA ARG B 445 8.72 -22.84 -11.03
C ARG B 445 8.46 -21.89 -12.22
N ALA B 446 8.82 -20.62 -12.07
CA ALA B 446 8.69 -19.65 -13.17
C ALA B 446 9.48 -20.10 -14.40
N ALA B 447 10.68 -20.65 -14.15
CA ALA B 447 11.53 -21.16 -15.23
C ALA B 447 10.86 -22.31 -15.98
N ARG B 448 10.25 -23.23 -15.23
CA ARG B 448 9.54 -24.37 -15.81
C ARG B 448 8.24 -23.99 -16.53
N GLU B 449 7.59 -22.92 -16.08
CA GLU B 449 6.43 -22.37 -16.79
C GLU B 449 6.82 -21.97 -18.20
N ILE B 450 7.98 -21.33 -18.34
CA ILE B 450 8.51 -20.98 -19.65
C ILE B 450 8.90 -22.21 -20.47
N LEU B 451 9.55 -23.18 -19.84
CA LEU B 451 9.88 -24.45 -20.49
C LEU B 451 8.64 -25.15 -21.08
N HIS B 452 7.54 -25.12 -20.34
CA HIS B 452 6.26 -25.67 -20.82
C HIS B 452 5.71 -24.86 -22.00
N ALA B 453 5.72 -23.54 -21.90
CA ALA B 453 5.27 -22.66 -22.99
C ALA B 453 6.08 -22.86 -24.28
N MET B 454 7.30 -23.34 -24.14
CA MET B 454 8.15 -23.66 -25.29
C MET B 454 7.96 -25.10 -25.80
N GLY B 455 7.09 -25.86 -25.13
CA GLY B 455 6.82 -27.25 -25.49
C GLY B 455 7.91 -28.22 -25.09
N LYS B 456 8.79 -27.82 -24.18
CA LYS B 456 9.93 -28.65 -23.77
C LYS B 456 9.58 -29.64 -22.65
N ILE B 457 8.57 -29.31 -21.85
CA ILE B 457 8.13 -30.18 -20.75
C ILE B 457 6.60 -30.20 -20.67
N PRO B 458 6.03 -31.30 -20.16
CA PRO B 458 4.58 -31.36 -19.91
C PRO B 458 4.10 -30.45 -18.77
N GLU B 459 2.87 -29.98 -18.87
CA GLU B 459 2.22 -29.16 -17.83
C GLU B 459 2.39 -29.78 -16.44
N ASP B 460 2.28 -31.11 -16.40
CA ASP B 460 2.61 -31.98 -15.28
C ASP B 460 3.85 -31.59 -14.47
N GLU B 461 4.84 -31.02 -15.14
CA GLU B 461 6.17 -30.83 -14.54
C GLU B 461 6.49 -29.41 -14.09
N ILE B 462 5.53 -28.49 -14.22
CA ILE B 462 5.74 -27.09 -13.79
C ILE B 462 5.98 -27.00 -12.27
N TRP B 463 5.14 -27.68 -11.49
CA TRP B 463 5.30 -27.74 -10.06
C TRP B 463 5.91 -29.09 -9.69
N GLN B 464 7.09 -29.02 -9.07
CA GLN B 464 7.85 -30.21 -8.72
C GLN B 464 8.12 -30.30 -7.21
N SER B 465 7.87 -31.47 -6.65
CA SER B 465 8.18 -31.73 -5.24
C SER B 465 9.69 -31.85 -5.03
N GLU B 466 10.12 -31.73 -3.78
CA GLU B 466 11.55 -31.75 -3.43
C GLU B 466 11.84 -32.86 -2.43
N PRO B 467 12.84 -33.69 -2.69
CA PRO B 467 13.24 -34.74 -1.74
C PRO B 467 13.83 -34.14 -0.46
N GLU B 468 13.54 -34.75 0.68
CA GLU B 468 14.02 -34.27 1.98
C GLU B 468 15.55 -34.30 2.03
N SER B 469 16.13 -33.22 2.57
CA SER B 469 17.56 -33.14 2.82
C SER B 469 18.01 -34.24 3.79
N VAL B 470 19.11 -34.93 3.46
CA VAL B 470 19.67 -35.93 4.38
C VAL B 470 20.47 -35.27 5.52
N ASP B 471 20.97 -34.07 5.25
CA ASP B 471 21.77 -33.31 6.21
C ASP B 471 20.92 -32.59 7.25
N VAL B 472 19.74 -32.13 6.85
CA VAL B 472 18.84 -31.42 7.75
C VAL B 472 17.46 -32.09 7.78
N PRO B 473 17.35 -33.23 8.46
CA PRO B 473 16.08 -33.97 8.51
C PRO B 473 15.05 -33.24 9.37
N ALA B 474 13.78 -33.37 9.01
CA ALA B 474 12.68 -32.75 9.74
C ALA B 474 12.03 -33.73 10.72
N GLN B 475 12.00 -33.34 11.99
CA GLN B 475 11.19 -34.01 13.00
C GLN B 475 9.78 -33.45 12.89
N PRO B 476 8.77 -34.32 13.03
CA PRO B 476 7.38 -33.88 12.87
C PRO B 476 6.94 -32.99 14.02
N ILE B 477 5.96 -32.10 13.78
CA ILE B 477 5.41 -31.23 14.81
C ILE B 477 4.31 -31.98 15.57
N THR B 478 4.52 -32.16 16.86
CA THR B 478 3.57 -32.89 17.70
C THR B 478 2.87 -31.97 18.71
N THR B 479 1.65 -32.34 19.08
CA THR B 479 0.92 -31.71 20.19
C THR B 479 0.66 -32.75 21.28
N THR B 480 0.42 -32.27 22.51
CA THR B 480 0.02 -33.17 23.61
C THR B 480 -1.50 -33.22 23.70
N PHE B 481 -2.01 -34.19 24.46
CA PHE B 481 -3.45 -34.37 24.68
C PHE B 481 -4.07 -33.11 25.30
N LEU B 482 -3.44 -32.60 26.35
CA LEU B 482 -3.90 -31.40 27.05
C LEU B 482 -3.88 -30.15 26.17
N GLU B 483 -2.82 -30.00 25.38
CA GLU B 483 -2.69 -28.89 24.43
C GLU B 483 -3.87 -28.84 23.46
N ARG B 484 -4.33 -30.02 23.01
CA ARG B 484 -5.43 -30.11 22.06
C ARG B 484 -6.80 -29.86 22.69
N HIS B 485 -6.98 -30.26 23.94
CA HIS B 485 -8.32 -30.32 24.54
C HIS B 485 -8.60 -29.37 25.71
N LEU B 486 -7.56 -28.73 26.25
CA LEU B 486 -7.78 -27.69 27.26
C LEU B 486 -8.63 -26.57 26.67
N PRO B 487 -9.59 -26.08 27.43
CA PRO B 487 -10.52 -25.05 26.95
C PRO B 487 -9.86 -23.67 26.85
N SER B 488 -10.45 -22.80 26.04
CA SER B 488 -10.10 -21.39 26.03
C SER B 488 -10.60 -20.72 27.31
N VAL B 489 -10.29 -19.43 27.48
CA VAL B 489 -10.83 -18.67 28.61
C VAL B 489 -12.37 -18.57 28.52
N PRO B 490 -12.92 -18.10 27.39
CA PRO B 490 -14.38 -18.08 27.22
C PRO B 490 -15.01 -19.49 27.32
N GLY B 491 -14.28 -20.51 26.89
CA GLY B 491 -14.72 -21.90 27.00
C GLY B 491 -14.84 -22.38 28.43
N LEU B 492 -13.89 -21.94 29.28
CA LEU B 492 -13.92 -22.25 30.70
C LEU B 492 -15.06 -21.51 31.38
N LEU B 493 -15.32 -20.27 30.96
CA LEU B 493 -16.43 -19.47 31.49
C LEU B 493 -17.79 -20.06 31.13
N ARG B 494 -17.89 -20.68 29.96
CA ARG B 494 -19.11 -21.37 29.54
C ARG B 494 -19.33 -22.64 30.35
N LEU B 495 -18.23 -23.32 30.69
CA LEU B 495 -18.25 -24.50 31.55
C LEU B 495 -18.67 -24.15 32.98
N ILE B 496 -18.50 -22.88 33.35
CA ILE B 496 -18.92 -22.37 34.65
C ILE B 496 -20.38 -21.89 34.57
PA FAD C . -2.99 14.30 -11.89
O1A FAD C . -3.02 12.82 -11.76
O2A FAD C . -4.30 14.83 -12.51
O5B FAD C . -1.73 14.77 -12.76
C5B FAD C . -0.54 14.01 -12.81
C4B FAD C . 0.05 14.05 -14.21
O4B FAD C . 1.36 13.52 -14.19
C3B FAD C . -0.73 13.20 -15.21
O3B FAD C . -0.99 14.00 -16.36
C2B FAD C . 0.20 12.04 -15.54
O2B FAD C . 0.07 11.61 -16.88
C1B FAD C . 1.56 12.63 -15.26
N9A FAD C . 2.61 11.65 -14.89
C8A FAD C . 2.52 10.55 -14.07
N7A FAD C . 3.73 9.94 -14.01
C5A FAD C . 4.60 10.65 -14.76
C6A FAD C . 5.95 10.50 -15.05
N6A FAD C . 6.67 9.53 -14.47
N1A FAD C . 6.58 11.42 -15.87
C2A FAD C . 5.87 12.48 -16.41
N3A FAD C . 4.53 12.63 -16.12
C4A FAD C . 3.91 11.74 -15.31
N1 FAD C . -12.05 16.20 -8.53
C2 FAD C . -12.92 17.25 -8.33
O2 FAD C . -12.49 18.36 -7.98
N3 FAD C . -14.28 17.05 -8.51
C4 FAD C . -14.74 15.81 -8.92
O4 FAD C . -15.74 15.81 -9.64
C4X FAD C . -13.83 14.78 -9.09
N5 FAD C . -14.28 13.54 -9.49
C5X FAD C . -13.38 12.65 -10.04
C6 FAD C . -13.83 11.54 -10.76
C7 FAD C . -12.91 10.64 -11.29
C7M FAD C . -13.45 9.43 -12.01
C8 FAD C . -11.53 10.86 -11.14
C8M FAD C . -10.49 10.03 -11.84
C9 FAD C . -11.10 11.98 -10.41
C9A FAD C . -12.02 12.87 -9.85
N10 FAD C . -11.59 13.98 -9.14
C10 FAD C . -12.51 14.89 -8.64
C1' FAD C . -10.17 14.08 -8.68
C2' FAD C . -9.38 15.08 -9.52
O2' FAD C . -9.51 14.76 -10.88
C3' FAD C . -7.91 15.08 -9.08
O3' FAD C . -7.86 15.45 -7.72
C4' FAD C . -7.00 16.04 -9.84
O4' FAD C . -7.26 16.00 -11.24
C5' FAD C . -5.55 15.68 -9.57
O5' FAD C . -4.68 16.60 -10.19
P FAD C . -3.08 16.45 -10.05
O1P FAD C . -2.46 17.40 -11.01
O2P FAD C . -2.64 16.72 -8.62
O3P FAD C . -2.71 14.93 -10.43
CP 1PB D . -17.48 12.92 -5.98
CA 1PB D . -23.16 11.97 -1.12
CB 1PB D . -21.77 12.01 -1.07
CC 1PB D . -21.01 12.72 -2.18
CD 1PB D . -19.63 12.58 -2.25
CG 1PB D . -23.97 11.27 -0.03
CH 1PB D . -23.56 10.04 0.47
CI 1PB D . -24.30 9.40 1.46
C1 1PB D . -18.89 12.70 -3.58
CJ 1PB D . -25.46 10.00 1.96
CK 1PB D . -25.86 11.24 1.46
CL 1PB D . -25.12 11.87 0.46
CN 1PB D . -19.57 12.68 -4.79
CO 1PB D . -18.86 12.79 -6.00
CQ 1PB D . -16.80 12.94 -4.76
CR 1PB D . -17.50 12.83 -3.56
PA FAD E . 15.38 -10.27 -3.83
O1A FAD E . 14.90 -8.97 -3.30
O2A FAD E . 16.42 -10.89 -2.89
O5B FAD E . 15.99 -10.07 -5.30
C5B FAD E . 15.52 -9.07 -6.17
C4B FAD E . 16.69 -8.52 -6.98
O4B FAD E . 16.16 -7.71 -8.02
C3B FAD E . 17.61 -7.61 -6.17
O3B FAD E . 18.94 -8.02 -6.37
C2B FAD E . 17.35 -6.21 -6.71
O2B FAD E . 18.49 -5.40 -6.72
C1B FAD E . 16.89 -6.51 -8.13
N9A FAD E . 16.06 -5.48 -8.75
C8A FAD E . 15.05 -4.74 -8.18
N7A FAD E . 14.54 -3.92 -9.12
C5A FAD E . 15.18 -4.13 -10.29
C6A FAD E . 15.06 -3.56 -11.56
N6A FAD E . 14.13 -2.64 -11.83
N1A FAD E . 15.89 -4.01 -12.56
C2A FAD E . 16.83 -4.98 -12.34
N3A FAD E . 16.95 -5.53 -11.07
C4A FAD E . 16.14 -5.11 -10.06
N1 FAD E . 15.16 -15.31 4.64
C2 FAD E . 15.45 -16.54 5.17
O2 FAD E . 15.30 -17.57 4.50
N3 FAD E . 15.92 -16.63 6.46
C4 FAD E . 16.12 -15.48 7.21
O4 FAD E . 17.01 -15.51 8.05
C4X FAD E . 15.80 -14.24 6.65
N5 FAD E . 15.98 -13.09 7.37
C5X FAD E . 16.02 -11.89 6.72
C6 FAD E . 16.50 -10.74 7.37
C7 FAD E . 16.55 -9.52 6.71
C7M FAD E . 17.08 -8.33 7.45
C8 FAD E . 16.10 -9.44 5.38
C8M FAD E . 16.32 -8.19 4.56
C9 FAD E . 15.61 -10.58 4.73
C9A FAD E . 15.57 -11.81 5.40
N10 FAD E . 15.08 -12.96 4.78
C10 FAD E . 15.09 -14.18 5.45
C1' FAD E . 14.28 -12.84 3.52
C2' FAD E . 15.07 -13.34 2.31
O2' FAD E . 16.32 -12.69 2.29
C3' FAD E . 14.28 -13.10 1.02
O3' FAD E . 13.08 -13.87 1.05
C4' FAD E . 15.00 -13.48 -0.27
O4' FAD E . 16.35 -13.04 -0.28
C5' FAD E . 14.25 -12.85 -1.45
O5' FAD E . 14.80 -13.30 -2.64
P FAD E . 14.24 -12.84 -4.07
O1P FAD E . 15.22 -13.27 -5.10
O2P FAD E . 12.85 -13.42 -4.31
O3P FAD E . 14.13 -11.23 -4.04
CP 1PB F . 13.41 -14.43 11.19
CA 1PB F . 10.16 -16.52 17.66
CB 1PB F . 9.77 -16.23 16.36
CC 1PB F . 10.78 -16.35 15.23
CD 1PB F . 10.45 -15.86 13.98
CG 1PB F . 9.18 -16.42 18.83
CH 1PB F . 8.30 -15.35 18.93
CI 1PB F . 7.41 -15.27 20.01
C1 1PB F . 11.50 -15.36 13.01
CJ 1PB F . 7.41 -16.28 20.98
CK 1PB F . 8.29 -17.35 20.87
CL 1PB F . 9.19 -17.42 19.81
CN 1PB F . 12.81 -15.12 13.44
CO 1PB F . 13.76 -14.66 12.52
CQ 1PB F . 12.10 -14.66 10.76
CR 1PB F . 11.14 -15.13 11.68
#